data_2FCP
#
_entry.id   2FCP
#
_cell.length_a   171.550
_cell.length_b   171.550
_cell.length_c   87.650
_cell.angle_alpha   90.00
_cell.angle_beta   90.00
_cell.angle_gamma   120.00
#
_symmetry.space_group_name_H-M   'P 61'
#
loop_
_entity.id
_entity.type
_entity.pdbx_description
1 polymer 'PROTEIN (FERRIC HYDROXAMATE UPTAKE RECEPTOR)'
2 branched 'alpha-D-galactopyranose-(1-3)-[alpha-D-galactopyranose-(1-6)]alpha-D-glucopyranose-(1-3)-4-O-phosphono-D-glycero-beta-D-manno-heptopyranose-(1-3)-L-glycero-alpha-D-manno-heptopyranose-(1-5)-[3-deoxy-alpha-D-manno-oct-2-ulopyranosonic acid-(2-4)]3-deoxy-alpha-D-manno-oct-2-ulopyranosonic acid-(2-6)-2-amino-2-deoxy-4-O-phosphono-alpha-D-glucopyranose-(1-6)-2-amino-2-deoxy-1-O-phosphono-alpha-D-glucopyranose'
3 non-polymer 'NICKEL (II) ION'
4 non-polymer '2-TRIDECANOYLOXY-PENTADECANOIC ACID'
5 non-polymer 'ACETOACETIC ACID'
6 non-polymer '3-OXO-PENTADECANOIC ACID'
7 non-polymer AMINOETHANOLPYROPHOSPHATE
8 water water
#
_entity_poly.entity_id   1
_entity_poly.type   'polypeptide(L)'
_entity_poly.pdbx_seq_one_letter_code
;AVEPKEDTITVTAAPAPQESAWGPAATIAARQSATGTKTDTPIQKVPQSISVVTAEEMALHQPKSVKEALSYTPGVSVGT
RGASNTYDHLIIRGFAAEGQSQNNYLNGLKLQGNFYNDAVIDPYMLERAEIMRGPVSVLYGKSSPGGLLNMVSKRPTTEP
LKEVQFKAGTDSLFQTGFDFSDSLDDDGVYSYRLTGLARSANAQQKGSEEQRYAIAPAFTWRPDDKTNFTFLSYFQNEPE
TGYYGWLPKEGTVEPLPNGKRLPTDFNEGAKNNTYSRNEKMVGYSFDHEFNDTFTVRQNLRFAENKTSQNSVYGYGVCSD
PANAYSKQCAALAPADKGHYLARKYVVDDEKLQNFSVDTQLQSKFATGDIDHTLLTGVDFMRMRNDINAWFGYDDSVPLL
NLYNPSHHHHHHGSVNTDFDFNAKDPANSGPYRILNKQKQTGVYVQDQAQWDKVLVTLGGRYDWADQESLNRVAGTTDKR
DDKQFTWRGGVNYLFDNGVTPYFSYSESFEPSSQVGKDGNIFAPSKGKQYEVGVKYVPEDRPIVVTGAVYNLTKTNNLMA
DPEGSFFSVEGGEIRARGVEIEAKAALSASVNVVGSYTYTDAEYTTDTTYKGNTPAQVPKHMASLWADYTFFDGPLSGLT
LGTGGRYTGSSYGDPANSFKVGSYTVVDALVRYDLARVGMAGSNVALHVNNLFDREYVASCFNTYGCFWGAERQVVATAT
FRF
;
_entity_poly.pdbx_strand_id   A
#
loop_
_chem_comp.id
_chem_comp.type
_chem_comp.name
_chem_comp.formula
AAE non-polymer 'ACETOACETIC ACID' 'C4 H6 O3'
EA2 non-polymer AMINOETHANOLPYROPHOSPHATE 'C2 H9 N O7 P2'
GLA D-saccharide, alpha linking alpha-D-galactopyranose 'C6 H12 O6'
GLC D-saccharide, alpha linking alpha-D-glucopyranose 'C6 H12 O6'
GMH D-saccharide, alpha linking L-glycero-alpha-D-manno-heptopyranose 'C7 H14 O7'
GP1 D-saccharide 2-amino-2-deoxy-1-O-phosphono-alpha-D-glucopyranose 'C6 H14 N O8 P'
GP4 D-saccharide, alpha linking 2-amino-2-deoxy-4-O-phosphono-alpha-D-glucopyranose 'C6 H14 N O8 P'
GPH D-saccharide, beta linking 4-O-phosphono-D-glycero-beta-D-manno-heptopyranose 'C7 H15 O10 P'
KDO D-saccharide, alpha linking '3-deoxy-alpha-D-manno-oct-2-ulopyranosonic acid' 'C8 H14 O8'
LIL non-polymer '2-TRIDECANOYLOXY-PENTADECANOIC ACID' 'C28 H54 O4'
LIM non-polymer '3-OXO-PENTADECANOIC ACID' 'C15 H28 O3'
NI non-polymer 'NICKEL (II) ION' 'Ni 2'
#
# COMPACT_ATOMS: atom_id res chain seq x y z
N GLU A 19 29.32 5.55 3.79
CA GLU A 19 30.26 4.56 4.44
C GLU A 19 29.39 3.50 5.14
N SER A 20 28.51 2.89 4.33
CA SER A 20 27.56 1.83 4.73
C SER A 20 26.45 2.07 3.69
N ALA A 21 26.14 1.02 2.93
CA ALA A 21 25.16 1.06 1.83
C ALA A 21 24.00 2.05 1.91
N TRP A 22 23.22 1.94 2.98
CA TRP A 22 22.06 2.79 3.18
C TRP A 22 22.38 4.22 3.59
N GLY A 23 23.65 4.57 3.55
CA GLY A 23 24.06 5.91 3.92
C GLY A 23 23.81 6.87 2.78
N PRO A 24 24.72 7.83 2.57
CA PRO A 24 24.63 8.83 1.51
C PRO A 24 24.41 8.22 0.12
N ALA A 25 24.91 7.00 -0.09
CA ALA A 25 24.75 6.33 -1.37
C ALA A 25 23.27 6.18 -1.69
N ALA A 26 22.48 5.94 -0.64
CA ALA A 26 21.04 5.79 -0.79
C ALA A 26 20.36 7.15 -0.96
N THR A 27 20.73 8.10 -0.10
CA THR A 27 20.17 9.45 -0.12
C THR A 27 20.24 10.08 -1.52
N ILE A 28 21.42 10.01 -2.14
CA ILE A 28 21.61 10.59 -3.47
C ILE A 28 20.86 9.82 -4.55
N ALA A 29 20.84 8.50 -4.43
CA ALA A 29 20.13 7.67 -5.40
C ALA A 29 18.63 7.99 -5.36
N ALA A 30 18.14 8.35 -4.18
CA ALA A 30 16.73 8.66 -4.00
C ALA A 30 16.38 10.08 -4.44
N ARG A 31 17.35 10.78 -5.00
CA ARG A 31 17.11 12.13 -5.46
C ARG A 31 16.47 12.05 -6.83
N GLN A 32 16.75 10.94 -7.52
CA GLN A 32 16.20 10.71 -8.84
C GLN A 32 14.95 9.86 -8.75
N SER A 33 13.97 10.19 -9.57
CA SER A 33 12.71 9.47 -9.61
C SER A 33 12.08 9.62 -10.97
N ALA A 34 10.93 9.00 -11.16
CA ALA A 34 10.25 9.09 -12.45
C ALA A 34 8.75 8.90 -12.36
N THR A 35 8.25 8.38 -11.23
CA THR A 35 6.83 8.13 -11.13
C THR A 35 6.06 9.44 -11.08
N GLY A 36 6.74 10.53 -10.74
CA GLY A 36 6.04 11.80 -10.64
C GLY A 36 5.89 12.56 -11.96
N THR A 37 6.69 12.20 -12.95
CA THR A 37 6.65 12.88 -14.24
C THR A 37 6.82 11.96 -15.43
N LYS A 38 6.94 10.67 -15.15
CA LYS A 38 7.14 9.67 -16.21
C LYS A 38 8.42 9.91 -17.02
N THR A 39 9.25 10.83 -16.55
CA THR A 39 10.54 11.12 -17.20
C THR A 39 11.52 11.12 -16.04
N ASP A 40 12.75 10.68 -16.29
CA ASP A 40 13.75 10.66 -15.24
C ASP A 40 14.03 12.10 -14.81
N THR A 41 13.47 12.48 -13.66
CA THR A 41 13.58 13.82 -13.12
C THR A 41 13.99 13.82 -11.65
N PRO A 42 14.88 14.74 -11.26
CA PRO A 42 15.29 14.79 -9.85
C PRO A 42 14.12 15.32 -9.04
N ILE A 43 14.01 14.88 -7.78
CA ILE A 43 12.87 15.28 -6.97
C ILE A 43 12.60 16.76 -6.79
N GLN A 44 13.65 17.57 -6.72
CA GLN A 44 13.40 18.99 -6.54
C GLN A 44 12.76 19.59 -7.79
N LYS A 45 12.87 18.89 -8.91
CA LYS A 45 12.26 19.38 -10.13
C LYS A 45 10.87 18.82 -10.33
N VAL A 46 10.33 18.19 -9.28
CA VAL A 46 8.99 17.62 -9.36
C VAL A 46 8.03 18.45 -8.53
N PRO A 47 7.04 19.07 -9.20
CA PRO A 47 5.99 19.93 -8.64
C PRO A 47 4.98 19.24 -7.73
N GLN A 48 5.33 18.06 -7.22
CA GLN A 48 4.42 17.34 -6.34
C GLN A 48 5.19 16.59 -5.28
N SER A 49 4.48 16.24 -4.20
CA SER A 49 5.10 15.52 -3.09
C SER A 49 5.36 14.07 -3.49
N ILE A 50 6.62 13.64 -3.34
CA ILE A 50 6.99 12.27 -3.70
C ILE A 50 8.11 11.76 -2.82
N SER A 51 7.96 10.51 -2.37
CA SER A 51 8.95 9.87 -1.51
C SER A 51 9.56 8.64 -2.16
N VAL A 52 10.83 8.40 -1.85
CA VAL A 52 11.54 7.27 -2.41
C VAL A 52 12.23 6.44 -1.34
N VAL A 53 12.08 5.13 -1.42
CA VAL A 53 12.70 4.22 -0.47
C VAL A 53 13.51 3.27 -1.30
N THR A 54 14.80 3.23 -1.02
CA THR A 54 15.72 2.39 -1.77
C THR A 54 15.91 0.99 -1.23
N ALA A 55 16.42 0.14 -2.11
CA ALA A 55 16.68 -1.26 -1.78
C ALA A 55 17.61 -1.36 -0.58
N GLU A 56 18.66 -0.54 -0.57
CA GLU A 56 19.61 -0.56 0.52
C GLU A 56 18.87 -0.24 1.81
N GLU A 57 17.99 0.75 1.75
CA GLU A 57 17.21 1.12 2.92
C GLU A 57 16.34 -0.05 3.39
N MET A 58 15.73 -0.77 2.45
CA MET A 58 14.88 -1.90 2.82
C MET A 58 15.74 -3.07 3.31
N ALA A 59 16.94 -3.17 2.76
CA ALA A 59 17.87 -4.22 3.14
C ALA A 59 18.25 -4.00 4.61
N LEU A 60 18.27 -2.74 5.02
CA LEU A 60 18.59 -2.42 6.42
C LEU A 60 17.41 -2.64 7.36
N HIS A 61 16.27 -2.00 7.05
CA HIS A 61 15.08 -2.10 7.88
C HIS A 61 14.33 -3.41 7.86
N GLN A 62 14.52 -4.20 6.80
CA GLN A 62 13.87 -5.51 6.68
C GLN A 62 12.35 -5.49 6.88
N PRO A 63 11.63 -4.66 6.12
CA PRO A 63 10.18 -4.55 6.25
C PRO A 63 9.44 -5.83 5.82
N LYS A 64 8.39 -6.20 6.54
CA LYS A 64 7.64 -7.39 6.19
C LYS A 64 7.01 -7.19 4.82
N SER A 65 6.43 -6.01 4.61
CA SER A 65 5.82 -5.69 3.31
C SER A 65 6.25 -4.30 2.86
N VAL A 66 5.78 -3.88 1.68
CA VAL A 66 6.08 -2.57 1.14
C VAL A 66 5.57 -1.51 2.12
N LYS A 67 4.51 -1.84 2.84
CA LYS A 67 3.90 -0.92 3.79
C LYS A 67 4.92 -0.31 4.75
N GLU A 68 5.57 -1.17 5.54
CA GLU A 68 6.55 -0.75 6.53
C GLU A 68 7.71 -0.03 5.86
N ALA A 69 7.97 -0.39 4.61
CA ALA A 69 9.05 0.21 3.86
C ALA A 69 8.84 1.72 3.74
N LEU A 70 7.59 2.17 3.88
CA LEU A 70 7.26 3.60 3.79
C LEU A 70 6.98 4.24 5.16
N SER A 71 7.17 3.47 6.22
CA SER A 71 6.90 3.92 7.59
C SER A 71 7.47 5.26 8.04
N TYR A 72 8.50 5.76 7.39
CA TYR A 72 9.07 7.04 7.80
C TYR A 72 8.78 8.12 6.78
N THR A 73 7.69 7.93 6.04
CA THR A 73 7.29 8.88 5.02
C THR A 73 6.03 9.57 5.48
N PRO A 74 5.86 10.84 5.09
CA PRO A 74 4.66 11.59 5.51
C PRO A 74 3.39 11.41 4.67
N GLY A 75 2.25 11.53 5.35
CA GLY A 75 0.95 11.43 4.71
C GLY A 75 0.43 10.03 4.42
N VAL A 76 0.94 9.01 5.13
CA VAL A 76 0.50 7.65 4.90
C VAL A 76 0.34 6.80 6.14
N SER A 77 -0.86 6.23 6.29
CA SER A 77 -1.11 5.34 7.40
C SER A 77 -0.79 4.00 6.76
N VAL A 78 0.21 3.31 7.28
CA VAL A 78 0.60 2.04 6.69
C VAL A 78 0.20 0.88 7.59
N GLY A 79 -0.21 1.19 8.82
CA GLY A 79 -0.58 0.14 9.76
C GLY A 79 -2.05 -0.02 10.05
N THR A 80 -2.88 0.67 9.29
CA THR A 80 -4.32 0.63 9.48
C THR A 80 -4.89 -0.73 9.87
N ARG A 81 -4.61 -1.75 9.08
CA ARG A 81 -5.14 -3.09 9.33
C ARG A 81 -4.40 -3.90 10.43
N GLY A 82 -3.45 -3.25 11.09
CA GLY A 82 -2.71 -3.91 12.15
C GLY A 82 -1.91 -5.13 11.76
N ALA A 83 -2.02 -6.16 12.58
CA ALA A 83 -1.29 -7.41 12.41
C ALA A 83 -1.45 -8.12 11.08
N SER A 84 -2.55 -7.89 10.38
CA SER A 84 -2.79 -8.55 9.09
C SER A 84 -1.73 -8.13 8.06
N ASN A 85 -1.41 -9.02 7.13
CA ASN A 85 -0.42 -8.70 6.09
C ASN A 85 -0.90 -9.16 4.71
N THR A 86 -2.19 -9.47 4.61
CA THR A 86 -2.83 -9.93 3.38
C THR A 86 -2.75 -8.92 2.23
N TYR A 87 -2.85 -7.65 2.55
CA TYR A 87 -2.83 -6.62 1.54
C TYR A 87 -1.96 -5.45 1.92
N ASP A 88 -1.49 -4.75 0.91
CA ASP A 88 -0.69 -3.58 1.13
C ASP A 88 -1.65 -2.41 0.83
N HIS A 89 -2.58 -2.19 1.76
CA HIS A 89 -3.53 -1.10 1.65
C HIS A 89 -2.96 0.12 2.35
N LEU A 90 -3.07 1.27 1.70
CA LEU A 90 -2.52 2.47 2.29
C LEU A 90 -3.51 3.62 2.22
N ILE A 91 -3.70 4.31 3.34
CA ILE A 91 -4.56 5.48 3.32
C ILE A 91 -3.56 6.61 3.14
N ILE A 92 -3.69 7.32 2.02
CA ILE A 92 -2.78 8.41 1.73
C ILE A 92 -3.49 9.73 1.76
N ARG A 93 -2.92 10.68 2.49
CA ARG A 93 -3.49 12.01 2.61
C ARG A 93 -4.97 11.94 3.00
N GLY A 94 -5.30 10.93 3.79
CA GLY A 94 -6.68 10.74 4.23
C GLY A 94 -7.61 9.97 3.30
N PHE A 95 -7.17 9.67 2.08
CA PHE A 95 -8.02 8.94 1.14
C PHE A 95 -7.54 7.56 0.73
N ALA A 96 -8.48 6.79 0.20
CA ALA A 96 -8.23 5.43 -0.27
C ALA A 96 -8.98 5.29 -1.59
N ALA A 97 -8.67 4.23 -2.35
CA ALA A 97 -9.35 4.00 -3.63
C ALA A 97 -10.80 3.58 -3.45
N GLU A 98 -11.56 3.72 -4.52
CA GLU A 98 -12.97 3.37 -4.53
C GLU A 98 -13.11 1.91 -4.10
N GLY A 99 -13.84 1.69 -3.00
CA GLY A 99 -14.03 0.35 -2.51
C GLY A 99 -12.94 -0.20 -1.60
N GLN A 100 -12.01 0.66 -1.19
CA GLN A 100 -10.91 0.23 -0.34
C GLN A 100 -9.94 -0.68 -1.08
N SER A 101 -9.99 -0.62 -2.40
CA SER A 101 -9.08 -1.41 -3.23
C SER A 101 -7.72 -0.74 -3.25
N GLN A 102 -6.66 -1.53 -3.36
CA GLN A 102 -5.33 -0.98 -3.43
C GLN A 102 -5.25 -0.07 -4.64
N ASN A 103 -4.27 0.82 -4.62
CA ASN A 103 -4.03 1.70 -5.73
C ASN A 103 -2.54 1.58 -5.86
N ASN A 104 -2.09 0.36 -6.17
CA ASN A 104 -0.68 0.01 -6.27
C ASN A 104 -0.14 -0.26 -7.67
N TYR A 105 1.00 0.37 -7.99
CA TYR A 105 1.63 0.18 -9.29
C TYR A 105 2.94 -0.60 -9.20
N LEU A 106 3.33 -1.21 -10.32
CA LEU A 106 4.58 -1.96 -10.40
C LEU A 106 5.18 -1.64 -11.76
N ASN A 107 6.29 -0.92 -11.75
CA ASN A 107 6.99 -0.56 -12.99
C ASN A 107 6.18 0.39 -13.86
N GLY A 108 5.46 1.32 -13.24
CA GLY A 108 4.67 2.29 -13.98
C GLY A 108 3.34 1.78 -14.48
N LEU A 109 3.04 0.52 -14.21
CA LEU A 109 1.80 -0.07 -14.67
C LEU A 109 1.00 -0.48 -13.45
N LYS A 110 -0.31 -0.24 -13.47
CA LYS A 110 -1.11 -0.60 -12.33
C LYS A 110 -1.45 -2.07 -12.18
N LEU A 111 -1.35 -2.56 -10.95
CA LEU A 111 -1.72 -3.94 -10.65
C LEU A 111 -3.20 -3.78 -10.33
N GLN A 112 -4.02 -3.69 -11.37
CA GLN A 112 -5.45 -3.52 -11.17
C GLN A 112 -6.14 -4.75 -10.62
N GLY A 113 -6.61 -4.65 -9.38
CA GLY A 113 -7.32 -5.75 -8.75
C GLY A 113 -8.80 -5.42 -8.67
N ASN A 114 -9.54 -6.32 -8.04
CA ASN A 114 -10.98 -6.15 -7.89
C ASN A 114 -11.47 -7.05 -6.78
N PHE A 115 -12.37 -6.52 -5.96
CA PHE A 115 -12.94 -7.29 -4.85
C PHE A 115 -11.78 -7.81 -4.00
N TYR A 116 -11.87 -9.05 -3.54
CA TYR A 116 -10.78 -9.60 -2.73
C TYR A 116 -9.53 -9.90 -3.55
N ASN A 117 -9.59 -9.70 -4.88
CA ASN A 117 -8.45 -10.01 -5.74
C ASN A 117 -7.47 -8.86 -5.96
N ASP A 118 -6.55 -8.72 -5.03
CA ASP A 118 -5.53 -7.71 -5.12
C ASP A 118 -4.23 -8.45 -4.91
N ALA A 119 -3.20 -8.02 -5.62
CA ALA A 119 -1.93 -8.70 -5.58
C ALA A 119 -0.88 -7.89 -4.84
N VAL A 120 0.10 -8.59 -4.28
CA VAL A 120 1.16 -7.90 -3.56
C VAL A 120 2.50 -8.37 -4.07
N ILE A 121 3.52 -7.57 -3.86
CA ILE A 121 4.85 -7.94 -4.30
C ILE A 121 5.73 -7.93 -3.07
N ASP A 122 6.47 -9.00 -2.87
CA ASP A 122 7.34 -9.06 -1.69
C ASP A 122 8.47 -8.05 -1.84
N PRO A 123 8.72 -7.25 -0.81
CA PRO A 123 9.79 -6.26 -0.91
C PRO A 123 11.19 -6.84 -1.24
N TYR A 124 11.38 -8.12 -0.99
CA TYR A 124 12.68 -8.71 -1.30
C TYR A 124 12.90 -8.72 -2.81
N MET A 125 11.82 -8.58 -3.56
CA MET A 125 11.89 -8.58 -5.01
C MET A 125 11.91 -7.16 -5.56
N LEU A 126 11.97 -6.18 -4.68
CA LEU A 126 11.97 -4.78 -5.13
C LEU A 126 13.34 -4.11 -5.14
N GLU A 127 13.45 -3.11 -5.99
CA GLU A 127 14.67 -2.34 -6.10
C GLU A 127 14.43 -1.04 -5.33
N ARG A 128 13.15 -0.66 -5.25
CA ARG A 128 12.73 0.53 -4.52
C ARG A 128 11.23 0.75 -4.61
N ALA A 129 10.73 1.65 -3.76
CA ALA A 129 9.32 1.98 -3.73
C ALA A 129 9.18 3.48 -3.77
N GLU A 130 8.10 3.95 -4.37
CA GLU A 130 7.85 5.38 -4.46
C GLU A 130 6.37 5.66 -4.24
N ILE A 131 6.08 6.63 -3.38
CA ILE A 131 4.70 7.01 -3.12
C ILE A 131 4.50 8.43 -3.61
N MET A 132 3.45 8.62 -4.40
CA MET A 132 3.13 9.93 -4.95
C MET A 132 1.83 10.44 -4.29
N ARG A 133 1.91 11.54 -3.56
CA ARG A 133 0.74 12.09 -2.87
C ARG A 133 -0.10 13.10 -3.67
N GLY A 134 -1.41 12.99 -3.54
CA GLY A 134 -2.29 13.87 -4.26
C GLY A 134 -2.68 13.25 -5.58
N PRO A 135 -3.46 13.96 -6.39
CA PRO A 135 -3.91 13.50 -7.69
C PRO A 135 -2.76 13.26 -8.66
N VAL A 136 -2.89 12.24 -9.50
CA VAL A 136 -1.88 11.94 -10.50
C VAL A 136 -2.54 11.31 -11.72
N SER A 137 -3.84 11.57 -11.87
CA SER A 137 -4.55 11.03 -13.02
C SER A 137 -3.92 11.63 -14.26
N VAL A 138 -3.33 12.80 -14.12
CA VAL A 138 -2.71 13.46 -15.25
C VAL A 138 -1.65 12.58 -15.93
N LEU A 139 -1.27 11.50 -15.27
CA LEU A 139 -0.27 10.59 -15.84
C LEU A 139 -0.66 9.11 -15.83
N TYR A 140 -1.56 8.71 -14.94
CA TYR A 140 -1.95 7.32 -14.84
C TYR A 140 -3.43 7.00 -15.02
N GLY A 141 -4.25 8.01 -15.24
CA GLY A 141 -5.67 7.74 -15.43
C GLY A 141 -6.45 7.69 -14.13
N LYS A 142 -7.61 7.04 -14.16
CA LYS A 142 -8.43 6.94 -12.96
C LYS A 142 -7.58 6.52 -11.78
N SER A 143 -7.58 7.35 -10.74
CA SER A 143 -6.81 7.09 -9.55
C SER A 143 -7.49 7.76 -8.37
N SER A 144 -7.31 7.18 -7.19
CA SER A 144 -7.91 7.74 -5.99
C SER A 144 -7.18 9.04 -5.69
N PRO A 145 -7.90 10.04 -5.16
CA PRO A 145 -7.16 11.27 -4.88
C PRO A 145 -6.33 10.96 -3.64
N GLY A 146 -5.24 11.65 -3.45
CA GLY A 146 -4.47 11.36 -2.26
C GLY A 146 -3.19 10.61 -2.55
N GLY A 147 -3.17 9.78 -3.59
CA GLY A 147 -1.93 9.08 -3.86
C GLY A 147 -1.94 7.86 -4.73
N LEU A 148 -0.75 7.28 -4.85
CA LEU A 148 -0.49 6.10 -5.67
C LEU A 148 0.87 5.55 -5.24
N LEU A 149 0.99 4.23 -5.15
CA LEU A 149 2.26 3.58 -4.78
C LEU A 149 2.85 2.93 -6.01
N ASN A 150 4.14 3.13 -6.25
CA ASN A 150 4.80 2.49 -7.39
C ASN A 150 6.06 1.76 -6.94
N MET A 151 6.05 0.45 -7.11
CA MET A 151 7.19 -0.38 -6.74
C MET A 151 7.95 -0.68 -8.01
N VAL A 152 9.27 -0.83 -7.89
CA VAL A 152 10.11 -1.11 -9.04
C VAL A 152 10.74 -2.49 -8.84
N SER A 153 10.63 -3.35 -9.86
CA SER A 153 11.19 -4.69 -9.81
C SER A 153 12.71 -4.62 -9.82
N LYS A 154 13.34 -5.62 -9.19
CA LYS A 154 14.80 -5.67 -9.20
C LYS A 154 15.13 -6.02 -10.64
N ARG A 155 16.17 -5.40 -11.19
CA ARG A 155 16.57 -5.67 -12.56
C ARG A 155 17.95 -6.32 -12.54
N PRO A 156 18.35 -6.97 -13.65
CA PRO A 156 19.66 -7.62 -13.71
C PRO A 156 20.77 -6.61 -13.46
N THR A 157 21.76 -7.02 -12.66
CA THR A 157 22.88 -6.13 -12.30
C THR A 157 24.06 -6.14 -13.27
N THR A 158 24.85 -5.07 -13.20
CA THR A 158 26.05 -4.95 -14.02
C THR A 158 27.08 -5.89 -13.40
N GLU A 159 27.35 -5.69 -12.12
CA GLU A 159 28.30 -6.53 -11.40
C GLU A 159 27.63 -7.86 -11.05
N PRO A 160 28.43 -8.88 -10.73
CA PRO A 160 27.82 -10.17 -10.39
C PRO A 160 27.19 -10.14 -9.01
N LEU A 161 26.22 -11.02 -8.79
CA LEU A 161 25.53 -11.09 -7.50
C LEU A 161 25.10 -12.51 -7.19
N LYS A 162 25.53 -13.00 -6.04
CA LYS A 162 25.17 -14.34 -5.60
C LYS A 162 24.84 -14.21 -4.11
N GLU A 163 23.56 -14.06 -3.82
CA GLU A 163 23.08 -13.87 -2.45
C GLU A 163 22.14 -14.95 -1.95
N VAL A 164 22.31 -15.33 -0.69
CA VAL A 164 21.44 -16.31 -0.04
C VAL A 164 21.10 -15.69 1.30
N GLN A 165 19.83 -15.76 1.69
CA GLN A 165 19.40 -15.15 2.94
C GLN A 165 18.62 -16.14 3.77
N PHE A 166 18.88 -16.13 5.08
CA PHE A 166 18.20 -17.04 5.99
C PHE A 166 17.63 -16.21 7.10
N LYS A 167 16.43 -16.58 7.53
CA LYS A 167 15.71 -15.86 8.58
C LYS A 167 15.08 -16.81 9.58
N ALA A 168 15.17 -16.43 10.84
CA ALA A 168 14.58 -17.19 11.93
C ALA A 168 14.01 -16.17 12.89
N GLY A 169 12.73 -16.33 13.23
CA GLY A 169 12.11 -15.38 14.13
C GLY A 169 11.02 -15.93 15.02
N THR A 170 10.30 -14.99 15.66
CA THR A 170 9.19 -15.30 16.55
C THR A 170 8.02 -15.84 15.76
N ASP A 171 7.04 -16.38 16.46
CA ASP A 171 5.84 -16.90 15.82
C ASP A 171 6.18 -17.96 14.79
N SER A 172 7.38 -18.51 14.91
CA SER A 172 7.86 -19.57 14.01
C SER A 172 8.17 -19.07 12.61
N LEU A 173 8.71 -17.85 12.53
CA LEU A 173 9.08 -17.28 11.23
C LEU A 173 10.34 -17.95 10.70
N PHE A 174 10.22 -18.56 9.53
CA PHE A 174 11.33 -19.21 8.89
C PHE A 174 11.31 -18.78 7.44
N GLN A 175 12.36 -18.11 6.99
CA GLN A 175 12.42 -17.70 5.61
C GLN A 175 13.76 -17.97 5.01
N THR A 176 13.73 -18.42 3.77
CA THR A 176 14.95 -18.72 3.02
C THR A 176 14.78 -18.18 1.59
N GLY A 177 15.75 -17.39 1.12
CA GLY A 177 15.68 -16.84 -0.23
C GLY A 177 17.03 -16.63 -0.92
N PHE A 178 16.99 -16.28 -2.19
CA PHE A 178 18.20 -16.04 -2.96
C PHE A 178 18.02 -14.93 -3.98
N ASP A 179 19.15 -14.35 -4.38
CA ASP A 179 19.16 -13.26 -5.35
C ASP A 179 20.43 -13.38 -6.20
N PHE A 180 20.30 -14.02 -7.36
CA PHE A 180 21.43 -14.21 -8.26
C PHE A 180 21.31 -13.43 -9.57
N SER A 181 22.30 -12.61 -9.87
CA SER A 181 22.27 -11.85 -11.11
C SER A 181 23.65 -11.90 -11.76
N ASP A 182 23.68 -12.06 -13.08
CA ASP A 182 24.94 -12.10 -13.78
C ASP A 182 24.81 -11.95 -15.29
N SER A 183 25.93 -11.65 -15.95
CA SER A 183 25.95 -11.47 -17.39
C SER A 183 26.24 -12.80 -18.09
N LEU A 184 25.81 -12.90 -19.34
CA LEU A 184 26.04 -14.10 -20.12
C LEU A 184 27.22 -13.86 -21.07
N ASP A 185 27.45 -12.61 -21.40
CA ASP A 185 28.54 -12.20 -22.28
C ASP A 185 29.42 -11.26 -21.48
N ASP A 186 30.67 -11.09 -21.90
CA ASP A 186 31.56 -10.22 -21.15
C ASP A 186 31.27 -8.75 -21.41
N ASP A 187 30.43 -8.48 -22.40
CA ASP A 187 30.07 -7.11 -22.73
C ASP A 187 28.78 -6.65 -22.09
N GLY A 188 28.03 -7.61 -21.56
CA GLY A 188 26.78 -7.27 -20.88
C GLY A 188 25.59 -6.96 -21.75
N VAL A 189 25.52 -7.56 -22.93
CA VAL A 189 24.39 -7.34 -23.81
C VAL A 189 23.29 -8.25 -23.32
N TYR A 190 23.69 -9.34 -22.67
CA TYR A 190 22.77 -10.32 -22.13
C TYR A 190 23.02 -10.60 -20.65
N SER A 191 22.05 -10.24 -19.81
CA SER A 191 22.17 -10.48 -18.38
C SER A 191 20.83 -10.89 -17.79
N TYR A 192 20.87 -11.61 -16.67
CA TYR A 192 19.66 -12.07 -16.02
C TYR A 192 19.67 -11.83 -14.52
N ARG A 193 18.56 -12.19 -13.89
CA ARG A 193 18.43 -12.10 -12.44
C ARG A 193 17.31 -13.04 -12.05
N LEU A 194 17.51 -13.77 -10.96
CA LEU A 194 16.52 -14.69 -10.46
C LEU A 194 16.48 -14.47 -8.96
N THR A 195 15.35 -14.02 -8.47
CA THR A 195 15.18 -13.77 -7.05
C THR A 195 14.05 -14.64 -6.57
N GLY A 196 14.25 -15.35 -5.47
CA GLY A 196 13.21 -16.21 -4.95
C GLY A 196 13.17 -16.29 -3.43
N LEU A 197 12.03 -16.68 -2.88
CA LEU A 197 11.93 -16.79 -1.43
C LEU A 197 10.90 -17.78 -1.00
N ALA A 198 11.17 -18.40 0.15
CA ALA A 198 10.27 -19.36 0.76
C ALA A 198 10.06 -18.86 2.18
N ARG A 199 8.80 -18.63 2.55
CA ARG A 199 8.48 -18.10 3.86
C ARG A 199 7.28 -18.77 4.50
N SER A 200 7.35 -18.92 5.82
CA SER A 200 6.26 -19.52 6.57
C SER A 200 6.37 -19.01 7.98
N ALA A 201 5.22 -18.88 8.62
CA ALA A 201 5.17 -18.42 10.00
C ALA A 201 3.75 -18.58 10.48
N ASN A 202 3.55 -18.35 11.77
CA ASN A 202 2.24 -18.42 12.35
C ASN A 202 1.80 -16.97 12.49
N ALA A 203 0.53 -16.69 12.25
CA ALA A 203 0.02 -15.33 12.37
C ALA A 203 -0.04 -14.95 13.84
N GLN A 204 -0.24 -13.67 14.12
CA GLN A 204 -0.34 -13.18 15.49
C GLN A 204 -1.54 -13.87 16.18
N GLN A 205 -2.59 -14.09 15.41
CA GLN A 205 -3.81 -14.73 15.92
C GLN A 205 -3.66 -16.24 15.90
N LYS A 206 -4.07 -16.88 16.99
CA LYS A 206 -3.96 -18.34 17.10
C LYS A 206 -4.79 -19.08 16.06
N GLY A 207 -4.15 -20.06 15.43
CA GLY A 207 -4.84 -20.84 14.42
C GLY A 207 -4.59 -20.36 13.00
N SER A 208 -4.00 -19.19 12.86
CA SER A 208 -3.71 -18.68 11.53
C SER A 208 -2.25 -18.78 11.16
N GLU A 209 -2.00 -19.21 9.93
CA GLU A 209 -0.64 -19.37 9.43
C GLU A 209 -0.44 -18.46 8.24
N GLU A 210 0.82 -18.40 7.81
CA GLU A 210 1.22 -17.61 6.65
C GLU A 210 2.24 -18.43 5.89
N GLN A 211 2.09 -18.47 4.58
CA GLN A 211 3.03 -19.18 3.74
C GLN A 211 3.22 -18.44 2.43
N ARG A 212 4.47 -18.32 1.99
CA ARG A 212 4.73 -17.66 0.72
C ARG A 212 5.87 -18.28 -0.08
N TYR A 213 5.62 -18.46 -1.37
CA TYR A 213 6.61 -19.00 -2.31
C TYR A 213 6.61 -18.00 -3.47
N ALA A 214 7.78 -17.41 -3.72
CA ALA A 214 7.91 -16.42 -4.79
C ALA A 214 9.22 -16.45 -5.54
N ILE A 215 9.11 -16.47 -6.87
CA ILE A 215 10.26 -16.47 -7.78
C ILE A 215 10.04 -15.37 -8.82
N ALA A 216 11.08 -14.58 -9.06
CA ALA A 216 11.02 -13.49 -10.04
C ALA A 216 12.10 -13.55 -11.11
N PRO A 217 11.80 -14.18 -12.26
CA PRO A 217 12.77 -14.27 -13.36
C PRO A 217 12.84 -12.93 -14.13
N ALA A 218 14.06 -12.45 -14.33
CA ALA A 218 14.28 -11.18 -15.04
C ALA A 218 15.41 -11.34 -16.05
N PHE A 219 15.23 -10.74 -17.23
CA PHE A 219 16.24 -10.83 -18.28
C PHE A 219 16.38 -9.48 -18.98
N THR A 220 17.61 -8.99 -19.08
CA THR A 220 17.88 -7.71 -19.75
C THR A 220 18.67 -7.87 -21.06
N TRP A 221 18.31 -7.06 -22.04
CA TRP A 221 18.97 -7.11 -23.35
C TRP A 221 19.39 -5.72 -23.77
N ARG A 222 20.70 -5.48 -23.75
CA ARG A 222 21.26 -4.19 -24.17
C ARG A 222 22.08 -4.39 -25.46
N PRO A 223 21.43 -4.31 -26.64
CA PRO A 223 22.14 -4.49 -27.92
C PRO A 223 23.24 -3.44 -28.05
N ASP A 224 22.97 -2.28 -27.48
CA ASP A 224 23.86 -1.13 -27.50
C ASP A 224 23.55 -0.28 -26.26
N ASP A 225 24.17 0.88 -26.15
CA ASP A 225 23.91 1.74 -24.99
C ASP A 225 22.80 2.77 -25.17
N LYS A 226 21.93 2.56 -26.16
CA LYS A 226 20.80 3.47 -26.37
C LYS A 226 19.54 2.60 -26.40
N THR A 227 19.72 1.32 -26.15
CA THR A 227 18.61 0.38 -26.16
C THR A 227 18.61 -0.55 -24.95
N ASN A 228 17.42 -0.75 -24.38
CA ASN A 228 17.26 -1.60 -23.19
C ASN A 228 15.91 -2.33 -23.15
N PHE A 229 15.96 -3.65 -23.29
CA PHE A 229 14.74 -4.43 -23.20
C PHE A 229 14.85 -5.35 -22.01
N THR A 230 14.08 -5.09 -20.96
CA THR A 230 14.14 -5.95 -19.79
C THR A 230 12.85 -6.71 -19.54
N PHE A 231 12.95 -8.03 -19.56
CA PHE A 231 11.82 -8.92 -19.32
C PHE A 231 11.63 -9.05 -17.83
N LEU A 232 10.42 -8.72 -17.38
CA LEU A 232 10.10 -8.79 -15.96
C LEU A 232 8.95 -9.76 -15.69
N SER A 233 9.21 -10.74 -14.84
CA SER A 233 8.19 -11.72 -14.48
C SER A 233 8.17 -11.96 -12.97
N TYR A 234 6.99 -12.30 -12.46
CA TYR A 234 6.83 -12.58 -11.04
C TYR A 234 5.78 -13.68 -10.85
N PHE A 235 6.11 -14.67 -10.04
CA PHE A 235 5.21 -15.78 -9.77
C PHE A 235 5.18 -15.99 -8.26
N GLN A 236 3.98 -16.02 -7.70
CA GLN A 236 3.84 -16.18 -6.27
C GLN A 236 2.65 -17.07 -5.90
N ASN A 237 2.90 -18.02 -4.99
CA ASN A 237 1.86 -18.92 -4.51
C ASN A 237 1.76 -18.78 -2.98
N GLU A 238 0.55 -18.46 -2.51
CA GLU A 238 0.30 -18.30 -1.08
C GLU A 238 -0.85 -19.21 -0.65
N PRO A 239 -0.53 -20.42 -0.13
CA PRO A 239 -1.56 -21.36 0.32
C PRO A 239 -2.37 -20.73 1.45
N GLU A 240 -1.67 -20.10 2.39
CA GLU A 240 -2.31 -19.42 3.51
C GLU A 240 -1.80 -17.98 3.66
N THR A 241 -2.72 -17.01 3.58
CA THR A 241 -2.38 -15.60 3.71
C THR A 241 -2.48 -15.09 5.14
N GLY A 242 -3.20 -15.81 6.00
CA GLY A 242 -3.31 -15.39 7.39
C GLY A 242 -4.58 -14.70 7.82
N TYR A 243 -4.51 -14.03 8.96
CA TYR A 243 -5.64 -13.34 9.53
C TYR A 243 -6.11 -12.11 8.75
N TYR A 244 -7.42 -11.95 8.67
CA TYR A 244 -8.02 -10.82 7.98
C TYR A 244 -9.41 -10.56 8.59
N GLY A 245 -9.52 -10.82 9.89
CA GLY A 245 -10.80 -10.69 10.59
C GLY A 245 -11.18 -9.33 11.15
N TRP A 246 -12.35 -9.28 11.77
CA TRP A 246 -12.89 -8.06 12.35
C TRP A 246 -13.16 -8.25 13.82
N LEU A 247 -12.85 -7.22 14.61
CA LEU A 247 -13.09 -7.27 16.04
C LEU A 247 -13.91 -6.07 16.51
N PRO A 248 -14.79 -6.28 17.49
CA PRO A 248 -15.62 -5.21 18.02
C PRO A 248 -14.80 -4.19 18.82
N LYS A 249 -15.29 -2.97 18.91
CA LYS A 249 -14.60 -1.95 19.67
C LYS A 249 -14.75 -2.37 21.13
N GLU A 250 -15.75 -3.20 21.38
CA GLU A 250 -16.01 -3.71 22.73
C GLU A 250 -15.17 -4.96 22.92
N GLY A 251 -14.05 -4.80 23.63
CA GLY A 251 -13.16 -5.92 23.87
C GLY A 251 -11.79 -5.59 23.29
N THR A 252 -11.71 -4.40 22.68
CA THR A 252 -10.47 -3.93 22.09
C THR A 252 -10.24 -2.47 22.48
N VAL A 253 -10.90 -1.54 21.80
CA VAL A 253 -10.75 -0.11 22.12
C VAL A 253 -11.36 0.16 23.48
N GLU A 254 -12.50 -0.46 23.74
CA GLU A 254 -13.24 -0.30 24.98
C GLU A 254 -13.29 -1.61 25.74
N PRO A 255 -13.45 -1.54 27.06
CA PRO A 255 -13.51 -2.76 27.88
C PRO A 255 -14.82 -3.50 27.67
N LEU A 256 -14.82 -4.78 28.01
CA LEU A 256 -16.03 -5.56 27.89
C LEU A 256 -16.84 -5.24 29.13
N PRO A 257 -18.10 -5.67 29.18
CA PRO A 257 -18.84 -5.34 30.39
C PRO A 257 -18.09 -5.74 31.67
N ASN A 258 -17.34 -6.85 31.61
CA ASN A 258 -16.59 -7.31 32.79
C ASN A 258 -15.32 -6.48 33.05
N GLY A 259 -15.11 -5.44 32.25
CA GLY A 259 -13.93 -4.60 32.44
C GLY A 259 -12.67 -5.12 31.77
N LYS A 260 -12.70 -6.37 31.29
CA LYS A 260 -11.56 -6.98 30.61
C LYS A 260 -11.60 -6.74 29.10
N ARG A 261 -10.57 -7.20 28.41
CA ARG A 261 -10.46 -7.06 26.96
C ARG A 261 -9.99 -8.34 26.27
N LEU A 262 -10.23 -8.40 24.97
CA LEU A 262 -9.80 -9.55 24.17
C LEU A 262 -8.29 -9.41 23.97
N PRO A 263 -7.55 -10.51 24.15
CA PRO A 263 -6.10 -10.39 23.95
C PRO A 263 -5.71 -10.18 22.48
N THR A 264 -4.60 -9.49 22.26
CA THR A 264 -4.09 -9.21 20.92
C THR A 264 -3.95 -10.41 19.97
N ASP A 265 -3.93 -11.62 20.52
CA ASP A 265 -3.78 -12.82 19.68
C ASP A 265 -5.13 -13.52 19.49
N PHE A 266 -6.18 -12.87 19.95
CA PHE A 266 -7.50 -13.45 19.82
C PHE A 266 -7.87 -13.64 18.35
N ASN A 267 -8.49 -14.76 18.05
CA ASN A 267 -8.91 -15.09 16.71
C ASN A 267 -10.37 -15.49 16.79
N GLU A 268 -11.24 -14.74 16.13
CA GLU A 268 -12.66 -15.05 16.18
C GLU A 268 -13.17 -15.83 14.98
N GLY A 269 -12.26 -16.26 14.12
CA GLY A 269 -12.67 -17.02 12.95
C GLY A 269 -12.73 -18.50 13.26
N ALA A 270 -13.19 -19.29 12.30
CA ALA A 270 -13.27 -20.72 12.50
C ALA A 270 -11.88 -21.29 12.65
N LYS A 271 -11.80 -22.56 13.02
CA LYS A 271 -10.52 -23.23 13.18
C LYS A 271 -10.06 -23.62 11.79
N ASN A 272 -11.02 -23.79 10.90
CA ASN A 272 -10.78 -24.20 9.53
C ASN A 272 -10.91 -23.05 8.51
N ASN A 273 -10.69 -21.82 8.99
CA ASN A 273 -10.72 -20.65 8.13
C ASN A 273 -9.54 -20.83 7.19
N THR A 274 -9.73 -20.55 5.91
CA THR A 274 -8.63 -20.69 4.96
C THR A 274 -8.61 -19.49 4.01
N TYR A 275 -7.41 -19.02 3.67
CA TYR A 275 -7.25 -17.86 2.79
C TYR A 275 -6.01 -18.02 1.90
N SER A 276 -6.21 -18.04 0.58
CA SER A 276 -5.10 -18.20 -0.36
C SER A 276 -5.11 -17.25 -1.57
N ARG A 277 -3.91 -17.03 -2.12
CA ARG A 277 -3.75 -16.17 -3.28
C ARG A 277 -2.70 -16.69 -4.23
N ASN A 278 -2.95 -16.49 -5.52
CA ASN A 278 -2.01 -16.93 -6.54
C ASN A 278 -1.76 -15.83 -7.56
N GLU A 279 -0.48 -15.51 -7.75
CA GLU A 279 -0.07 -14.46 -8.67
C GLU A 279 0.94 -14.91 -9.71
N LYS A 280 0.66 -14.62 -10.98
CA LYS A 280 1.55 -14.93 -12.09
C LYS A 280 1.54 -13.73 -13.05
N MET A 281 2.72 -13.25 -13.42
CA MET A 281 2.81 -12.12 -14.34
C MET A 281 4.07 -12.08 -15.19
N VAL A 282 3.88 -11.71 -16.46
CA VAL A 282 4.98 -11.59 -17.41
C VAL A 282 4.84 -10.25 -18.10
N GLY A 283 5.97 -9.61 -18.37
CA GLY A 283 5.96 -8.31 -19.02
C GLY A 283 7.35 -7.84 -19.38
N TYR A 284 7.50 -6.53 -19.50
CA TYR A 284 8.80 -5.96 -19.83
C TYR A 284 8.84 -4.46 -19.80
N SER A 285 10.04 -3.95 -19.63
CA SER A 285 10.28 -2.52 -19.62
C SER A 285 11.17 -2.33 -20.84
N PHE A 286 10.89 -1.30 -21.62
CA PHE A 286 11.66 -1.03 -22.81
C PHE A 286 11.91 0.45 -23.01
N ASP A 287 13.11 0.75 -23.46
CA ASP A 287 13.50 2.12 -23.73
C ASP A 287 14.51 2.11 -24.86
N HIS A 288 14.38 3.09 -25.76
CA HIS A 288 15.28 3.23 -26.89
C HIS A 288 15.46 4.72 -27.16
N GLU A 289 16.72 5.14 -27.20
CA GLU A 289 17.06 6.53 -27.48
C GLU A 289 17.42 6.55 -28.96
N PHE A 290 16.57 7.17 -29.78
CA PHE A 290 16.80 7.27 -31.20
C PHE A 290 17.94 8.21 -31.52
N ASN A 291 17.94 9.37 -30.88
CA ASN A 291 19.00 10.36 -31.09
C ASN A 291 19.00 11.38 -29.97
N ASP A 292 19.41 12.61 -30.27
CA ASP A 292 19.50 13.66 -29.26
C ASP A 292 18.16 14.26 -28.86
N THR A 293 17.12 14.04 -29.67
CA THR A 293 15.83 14.63 -29.38
C THR A 293 14.70 13.62 -29.12
N PHE A 294 14.86 12.40 -29.62
CA PHE A 294 13.82 11.41 -29.43
C PHE A 294 14.20 10.14 -28.68
N THR A 295 13.36 9.80 -27.69
CA THR A 295 13.51 8.61 -26.89
C THR A 295 12.12 8.00 -26.70
N VAL A 296 12.01 6.69 -26.92
CA VAL A 296 10.72 6.03 -26.75
C VAL A 296 10.84 4.93 -25.71
N ARG A 297 9.88 4.87 -24.79
CA ARG A 297 9.90 3.82 -23.80
C ARG A 297 8.51 3.24 -23.66
N GLN A 298 8.42 1.92 -23.66
CA GLN A 298 7.14 1.23 -23.52
C GLN A 298 7.18 0.25 -22.36
N ASN A 299 6.11 0.25 -21.56
CA ASN A 299 5.98 -0.66 -20.41
C ASN A 299 4.76 -1.54 -20.59
N LEU A 300 4.96 -2.84 -20.59
CA LEU A 300 3.85 -3.77 -20.77
C LEU A 300 3.85 -4.93 -19.79
N ARG A 301 2.65 -5.36 -19.39
CA ARG A 301 2.53 -6.46 -18.46
C ARG A 301 1.20 -7.18 -18.57
N PHE A 302 1.23 -8.47 -18.29
CA PHE A 302 0.02 -9.28 -18.25
C PHE A 302 0.01 -10.13 -16.97
N ALA A 303 -1.12 -10.19 -16.30
CA ALA A 303 -1.17 -11.00 -15.09
C ALA A 303 -2.45 -11.78 -14.95
N GLU A 304 -2.34 -12.94 -14.33
CA GLU A 304 -3.48 -13.77 -14.02
C GLU A 304 -3.32 -14.08 -12.55
N ASN A 305 -4.22 -13.52 -11.74
CA ASN A 305 -4.16 -13.71 -10.29
C ASN A 305 -5.44 -14.32 -9.73
N LYS A 306 -5.26 -15.16 -8.72
CA LYS A 306 -6.37 -15.86 -8.10
C LYS A 306 -6.38 -15.73 -6.58
N THR A 307 -7.56 -15.91 -6.01
CA THR A 307 -7.70 -15.89 -4.56
C THR A 307 -8.93 -16.69 -4.13
N SER A 308 -8.79 -17.41 -3.02
CA SER A 308 -9.86 -18.24 -2.46
C SER A 308 -9.84 -18.11 -0.96
N GLN A 309 -11.01 -18.30 -0.33
CA GLN A 309 -11.10 -18.24 1.12
C GLN A 309 -12.40 -18.82 1.66
N ASN A 310 -12.29 -19.29 2.90
CA ASN A 310 -13.40 -19.83 3.68
C ASN A 310 -13.19 -19.04 4.95
N SER A 311 -13.98 -18.01 5.16
CA SER A 311 -13.76 -17.20 6.34
C SER A 311 -14.92 -16.82 7.23
N VAL A 312 -14.78 -17.15 8.51
CA VAL A 312 -15.77 -16.78 9.50
C VAL A 312 -15.20 -15.50 10.06
N TYR A 313 -15.96 -14.42 9.99
CA TYR A 313 -15.47 -13.17 10.52
C TYR A 313 -16.42 -12.53 11.53
N GLY A 314 -15.84 -11.68 12.38
CA GLY A 314 -16.63 -11.01 13.41
C GLY A 314 -17.49 -9.91 12.87
N TYR A 315 -18.63 -9.70 13.53
CA TYR A 315 -19.55 -8.64 13.14
C TYR A 315 -20.08 -7.90 14.36
N GLY A 316 -19.18 -7.52 15.25
CA GLY A 316 -19.56 -6.78 16.44
C GLY A 316 -20.33 -7.55 17.50
N VAL A 317 -20.42 -6.96 18.69
CA VAL A 317 -21.17 -7.60 19.77
C VAL A 317 -22.65 -7.48 19.46
N CYS A 318 -23.43 -8.34 20.11
CA CYS A 318 -24.86 -8.38 19.91
C CYS A 318 -25.60 -7.09 20.23
N SER A 319 -24.97 -6.24 21.04
CA SER A 319 -25.59 -4.98 21.41
C SER A 319 -25.30 -3.87 20.40
N ASP A 320 -24.65 -4.23 19.29
CA ASP A 320 -24.29 -3.29 18.22
C ASP A 320 -25.47 -3.10 17.29
N PRO A 321 -25.77 -1.85 16.94
CA PRO A 321 -26.87 -1.49 16.04
C PRO A 321 -26.95 -2.41 14.82
N ALA A 322 -25.78 -2.78 14.32
CA ALA A 322 -25.69 -3.65 13.15
C ALA A 322 -26.25 -5.05 13.36
N ASN A 323 -26.64 -5.37 14.58
CA ASN A 323 -27.19 -6.69 14.84
C ASN A 323 -28.60 -6.65 15.40
N ALA A 324 -29.28 -5.54 15.17
CA ALA A 324 -30.65 -5.35 15.63
C ALA A 324 -31.54 -6.52 15.16
N TYR A 325 -31.45 -6.83 13.87
CA TYR A 325 -32.26 -7.88 13.28
C TYR A 325 -31.69 -9.30 13.47
N SER A 326 -30.68 -9.43 14.32
CA SER A 326 -30.09 -10.75 14.57
C SER A 326 -30.92 -11.55 15.57
N LYS A 327 -31.47 -12.67 15.11
CA LYS A 327 -32.28 -13.52 15.98
C LYS A 327 -31.47 -14.04 17.17
N GLN A 328 -30.38 -14.75 16.88
CA GLN A 328 -29.52 -15.30 17.93
C GLN A 328 -29.15 -14.23 18.95
N CYS A 329 -29.13 -12.98 18.51
CA CYS A 329 -28.77 -11.88 19.38
C CYS A 329 -29.93 -11.41 20.26
N ALA A 330 -31.11 -11.31 19.67
CA ALA A 330 -32.30 -10.88 20.40
C ALA A 330 -32.64 -11.89 21.48
N ALA A 331 -32.32 -13.15 21.22
CA ALA A 331 -32.58 -14.24 22.14
C ALA A 331 -31.63 -14.25 23.34
N LEU A 332 -31.10 -13.08 23.70
CA LEU A 332 -30.18 -12.97 24.83
C LEU A 332 -30.70 -11.94 25.81
N ALA A 333 -30.24 -12.03 27.05
CA ALA A 333 -30.66 -11.07 28.06
C ALA A 333 -30.06 -9.72 27.69
N PRO A 334 -30.89 -8.67 27.60
CA PRO A 334 -30.46 -7.32 27.25
C PRO A 334 -29.07 -6.90 27.74
N ALA A 335 -28.69 -7.39 28.91
CA ALA A 335 -27.39 -7.06 29.50
C ALA A 335 -26.26 -7.91 28.91
N ASP A 336 -26.63 -9.00 28.23
CA ASP A 336 -25.66 -9.91 27.62
C ASP A 336 -25.29 -9.53 26.20
N LYS A 337 -26.16 -8.77 25.54
CA LYS A 337 -25.92 -8.36 24.16
C LYS A 337 -24.54 -7.75 23.95
N GLY A 338 -24.03 -7.08 24.97
CA GLY A 338 -22.73 -6.42 24.88
C GLY A 338 -21.46 -7.22 25.15
N HIS A 339 -21.58 -8.51 25.40
CA HIS A 339 -20.38 -9.32 25.63
C HIS A 339 -20.43 -10.63 24.85
N TYR A 340 -21.29 -10.66 23.84
CA TYR A 340 -21.43 -11.80 22.95
C TYR A 340 -21.10 -11.28 21.55
N LEU A 341 -20.42 -12.10 20.74
CA LEU A 341 -20.03 -11.66 19.41
C LEU A 341 -20.78 -12.29 18.26
N ALA A 342 -21.35 -11.43 17.41
CA ALA A 342 -22.08 -11.87 16.24
C ALA A 342 -21.02 -12.16 15.20
N ARG A 343 -21.23 -13.22 14.42
CA ARG A 343 -20.28 -13.61 13.40
C ARG A 343 -20.99 -13.97 12.10
N LYS A 344 -20.28 -13.78 10.98
CA LYS A 344 -20.79 -14.11 9.67
C LYS A 344 -19.71 -14.88 8.94
N TYR A 345 -19.86 -15.07 7.64
CA TYR A 345 -18.85 -15.81 6.92
C TYR A 345 -18.89 -15.61 5.40
N VAL A 346 -17.80 -15.99 4.74
CA VAL A 346 -17.76 -15.89 3.29
C VAL A 346 -16.89 -16.99 2.70
N VAL A 347 -17.31 -17.46 1.52
CA VAL A 347 -16.59 -18.46 0.76
C VAL A 347 -16.34 -17.77 -0.55
N ASP A 348 -15.08 -17.68 -0.95
CA ASP A 348 -14.74 -16.96 -2.16
C ASP A 348 -13.83 -17.73 -3.10
N ASP A 349 -13.96 -17.42 -4.38
CA ASP A 349 -13.13 -18.01 -5.41
C ASP A 349 -13.15 -17.02 -6.56
N GLU A 350 -11.96 -16.53 -6.93
CA GLU A 350 -11.84 -15.54 -7.97
C GLU A 350 -10.65 -15.77 -8.88
N LYS A 351 -10.75 -15.29 -10.11
CA LYS A 351 -9.66 -15.42 -11.06
C LYS A 351 -9.72 -14.20 -11.96
N LEU A 352 -8.61 -13.48 -12.09
CA LEU A 352 -8.58 -12.31 -12.96
C LEU A 352 -7.35 -12.20 -13.86
N GLN A 353 -7.55 -11.55 -15.00
CA GLN A 353 -6.47 -11.33 -15.94
C GLN A 353 -6.40 -9.84 -16.10
N ASN A 354 -5.19 -9.32 -16.18
CA ASN A 354 -4.97 -7.89 -16.28
C ASN A 354 -3.85 -7.61 -17.27
N PHE A 355 -4.17 -6.84 -18.30
CA PHE A 355 -3.20 -6.48 -19.33
C PHE A 355 -2.95 -4.98 -19.32
N SER A 356 -1.70 -4.60 -19.54
CA SER A 356 -1.34 -3.19 -19.53
C SER A 356 -0.18 -2.83 -20.47
N VAL A 357 -0.33 -1.68 -21.13
CA VAL A 357 0.71 -1.16 -22.02
C VAL A 357 0.67 0.34 -21.93
N ASP A 358 1.84 0.94 -21.76
CA ASP A 358 1.95 2.38 -21.70
C ASP A 358 3.08 2.65 -22.66
N THR A 359 2.82 3.48 -23.64
CA THR A 359 3.84 3.79 -24.61
C THR A 359 3.99 5.29 -24.59
N GLN A 360 5.24 5.74 -24.52
CA GLN A 360 5.53 7.15 -24.45
C GLN A 360 6.72 7.58 -25.29
N LEU A 361 6.56 8.73 -25.91
CA LEU A 361 7.59 9.34 -26.74
C LEU A 361 8.04 10.57 -25.99
N GLN A 362 9.33 10.67 -25.74
CA GLN A 362 9.90 11.80 -25.02
C GLN A 362 10.64 12.67 -26.04
N SER A 363 10.35 13.96 -26.04
CA SER A 363 10.99 14.88 -26.98
C SER A 363 11.73 16.00 -26.28
N LYS A 364 13.06 15.98 -26.36
CA LYS A 364 13.88 17.02 -25.75
C LYS A 364 14.17 18.03 -26.85
N PHE A 365 14.03 19.32 -26.52
CA PHE A 365 14.31 20.38 -27.48
C PHE A 365 14.19 21.73 -26.80
N ALA A 366 14.96 22.70 -27.29
CA ALA A 366 14.92 24.03 -26.71
C ALA A 366 14.13 25.02 -27.58
N THR A 367 13.76 26.13 -26.97
CA THR A 367 13.02 27.19 -27.64
C THR A 367 13.60 28.50 -27.13
N GLY A 368 14.79 28.83 -27.66
CA GLY A 368 15.46 30.04 -27.28
C GLY A 368 15.56 30.25 -25.78
N ASP A 369 16.51 29.56 -25.16
CA ASP A 369 16.73 29.64 -23.72
C ASP A 369 15.65 28.97 -22.89
N ILE A 370 14.77 28.22 -23.56
CA ILE A 370 13.72 27.50 -22.87
C ILE A 370 13.80 26.04 -23.29
N ASP A 371 14.45 25.22 -22.46
CA ASP A 371 14.58 23.80 -22.76
C ASP A 371 13.26 23.10 -22.45
N HIS A 372 12.81 22.29 -23.39
CA HIS A 372 11.55 21.56 -23.22
C HIS A 372 11.72 20.06 -23.22
N THR A 373 10.99 19.41 -22.34
CA THR A 373 10.98 17.97 -22.24
C THR A 373 9.51 17.64 -22.45
N LEU A 374 9.15 17.37 -23.70
CA LEU A 374 7.79 17.07 -24.09
C LEU A 374 7.43 15.60 -24.02
N LEU A 375 6.50 15.26 -23.14
CA LEU A 375 6.08 13.89 -22.99
C LEU A 375 4.69 13.69 -23.59
N THR A 376 4.61 12.72 -24.49
CA THR A 376 3.34 12.41 -25.12
C THR A 376 3.24 10.89 -25.22
N GLY A 377 2.14 10.33 -24.70
CA GLY A 377 1.98 8.89 -24.76
C GLY A 377 0.55 8.40 -24.63
N VAL A 378 0.35 7.12 -24.87
CA VAL A 378 -0.95 6.49 -24.76
C VAL A 378 -0.87 5.34 -23.76
N ASP A 379 -1.83 5.31 -22.84
CA ASP A 379 -1.87 4.29 -21.81
C ASP A 379 -3.13 3.43 -21.95
N PHE A 380 -2.95 2.12 -21.86
CA PHE A 380 -4.08 1.20 -21.99
C PHE A 380 -4.06 0.04 -21.00
N MET A 381 -5.24 -0.36 -20.55
CA MET A 381 -5.37 -1.49 -19.63
C MET A 381 -6.77 -2.06 -19.71
N ARG A 382 -6.88 -3.36 -19.40
CA ARG A 382 -8.15 -4.04 -19.35
C ARG A 382 -8.05 -5.01 -18.19
N MET A 383 -9.08 -5.04 -17.36
CA MET A 383 -9.09 -5.95 -16.23
C MET A 383 -10.37 -6.77 -16.24
N ARG A 384 -10.23 -8.03 -15.92
CA ARG A 384 -11.37 -8.91 -15.88
C ARG A 384 -11.25 -9.76 -14.64
N ASN A 385 -12.31 -9.76 -13.84
CA ASN A 385 -12.33 -10.55 -12.61
C ASN A 385 -13.64 -11.33 -12.49
N ASP A 386 -13.54 -12.65 -12.38
CA ASP A 386 -14.73 -13.48 -12.26
C ASP A 386 -14.89 -13.91 -10.79
N ILE A 387 -15.98 -13.52 -10.17
CA ILE A 387 -16.20 -13.85 -8.78
C ILE A 387 -17.32 -14.86 -8.54
N ASN A 388 -17.02 -15.85 -7.70
CA ASN A 388 -17.98 -16.89 -7.31
C ASN A 388 -17.90 -17.07 -5.80
N ALA A 389 -18.72 -16.33 -5.07
CA ALA A 389 -18.70 -16.42 -3.62
C ALA A 389 -20.07 -16.68 -3.00
N TRP A 390 -20.05 -16.86 -1.69
CA TRP A 390 -21.24 -17.11 -0.90
C TRP A 390 -21.06 -16.36 0.41
N PHE A 391 -22.06 -15.58 0.81
CA PHE A 391 -21.97 -14.83 2.05
C PHE A 391 -23.02 -15.17 3.11
N GLY A 392 -22.56 -15.46 4.32
CA GLY A 392 -23.47 -15.74 5.41
C GLY A 392 -24.00 -14.43 5.94
N TYR A 393 -25.29 -14.35 6.24
CA TYR A 393 -25.90 -13.15 6.79
C TYR A 393 -26.09 -13.34 8.29
N ASP A 394 -27.07 -12.66 8.86
CA ASP A 394 -27.33 -12.80 10.29
C ASP A 394 -27.69 -14.24 10.61
N ASP A 395 -27.29 -14.68 11.81
CA ASP A 395 -27.57 -16.03 12.29
C ASP A 395 -27.05 -17.12 11.36
N SER A 396 -26.01 -16.81 10.60
CA SER A 396 -25.44 -17.78 9.68
C SER A 396 -24.36 -18.61 10.38
N VAL A 397 -23.89 -18.12 11.53
CA VAL A 397 -22.84 -18.78 12.29
C VAL A 397 -22.95 -18.48 13.79
N PRO A 398 -22.65 -19.48 14.64
CA PRO A 398 -22.70 -19.38 16.10
C PRO A 398 -22.15 -18.10 16.68
N LEU A 399 -22.57 -17.78 17.89
CA LEU A 399 -22.12 -16.59 18.58
C LEU A 399 -20.89 -17.00 19.40
N LEU A 400 -20.27 -16.03 20.06
CA LEU A 400 -19.11 -16.29 20.90
C LEU A 400 -19.14 -15.42 22.14
N ASN A 401 -19.03 -16.03 23.30
CA ASN A 401 -19.02 -15.25 24.53
C ASN A 401 -17.59 -14.76 24.64
N LEU A 402 -17.42 -13.44 24.79
CA LEU A 402 -16.08 -12.86 24.90
C LEU A 402 -15.57 -12.83 26.32
N TYR A 403 -16.34 -13.41 27.23
CA TYR A 403 -15.94 -13.43 28.64
C TYR A 403 -14.80 -14.42 28.90
N ASN A 404 -14.92 -15.64 28.41
CA ASN A 404 -13.87 -16.65 28.63
C ASN A 404 -12.50 -16.02 28.40
N PRO A 405 -12.34 -15.25 27.31
CA PRO A 405 -11.04 -14.61 27.05
C PRO A 405 -10.71 -13.65 28.20
N SER A 406 -10.17 -14.23 29.27
CA SER A 406 -9.80 -13.52 30.49
C SER A 406 -8.29 -13.39 30.61
N HIS A 407 -7.83 -13.18 31.84
CA HIS A 407 -6.40 -13.07 32.11
C HIS A 407 -5.66 -14.35 31.74
N HIS A 408 -6.30 -15.50 31.95
CA HIS A 408 -5.65 -16.75 31.62
C HIS A 408 -5.25 -16.80 30.16
N HIS A 409 -6.09 -16.28 29.28
CA HIS A 409 -5.76 -16.33 27.87
C HIS A 409 -4.74 -15.28 27.47
N HIS A 410 -4.38 -14.43 28.42
CA HIS A 410 -3.34 -13.44 28.19
C HIS A 410 -2.10 -14.22 28.65
N HIS A 411 -2.32 -15.52 28.90
CA HIS A 411 -1.30 -16.49 29.34
C HIS A 411 -1.02 -17.37 28.12
N HIS A 412 -2.06 -17.80 27.42
CA HIS A 412 -1.91 -18.57 26.18
C HIS A 412 -2.98 -18.08 25.16
N GLY A 413 -3.49 -18.91 24.25
CA GLY A 413 -4.43 -18.39 23.26
C GLY A 413 -5.83 -18.94 23.08
N SER A 414 -5.94 -20.23 22.77
CA SER A 414 -7.24 -20.89 22.59
C SER A 414 -7.97 -20.63 21.28
N VAL A 415 -7.88 -21.59 20.37
CA VAL A 415 -8.51 -21.52 19.06
C VAL A 415 -10.01 -21.77 19.22
N ASN A 416 -10.77 -21.54 18.16
CA ASN A 416 -12.21 -21.77 18.18
C ASN A 416 -12.46 -23.13 17.55
N THR A 417 -13.69 -23.38 17.14
CA THR A 417 -14.03 -24.67 16.54
C THR A 417 -14.24 -24.56 15.04
N ASP A 418 -14.33 -25.71 14.36
CA ASP A 418 -14.54 -25.75 12.91
C ASP A 418 -15.83 -25.03 12.52
N PHE A 419 -16.27 -25.25 11.29
CA PHE A 419 -17.49 -24.62 10.79
C PHE A 419 -17.75 -25.19 9.42
N ASP A 420 -18.99 -25.61 9.18
CA ASP A 420 -19.33 -26.16 7.88
C ASP A 420 -19.45 -25.00 6.91
N PHE A 421 -18.53 -24.91 5.96
CA PHE A 421 -18.56 -23.87 4.96
C PHE A 421 -19.44 -24.34 3.82
N ASN A 422 -19.90 -25.58 3.91
CA ASN A 422 -20.80 -26.14 2.91
C ASN A 422 -22.18 -26.15 3.52
N ALA A 423 -23.13 -26.76 2.83
CA ALA A 423 -24.48 -26.78 3.35
C ALA A 423 -24.82 -25.31 3.54
N LYS A 424 -24.70 -24.57 2.45
CA LYS A 424 -24.97 -23.15 2.44
C LYS A 424 -26.47 -22.98 2.70
N ASP A 425 -26.86 -22.81 3.95
CA ASP A 425 -28.27 -22.67 4.29
C ASP A 425 -28.91 -21.46 3.57
N PRO A 426 -29.85 -21.73 2.65
CA PRO A 426 -30.55 -20.69 1.89
C PRO A 426 -31.28 -19.70 2.79
N ALA A 427 -31.40 -20.07 4.06
CA ALA A 427 -32.09 -19.27 5.06
C ALA A 427 -31.26 -18.16 5.66
N ASN A 428 -29.97 -18.43 5.89
CA ASN A 428 -29.09 -17.45 6.50
C ASN A 428 -27.94 -17.00 5.60
N SER A 429 -27.81 -17.61 4.43
CA SER A 429 -26.74 -17.26 3.50
C SER A 429 -27.24 -17.22 2.06
N GLY A 430 -26.41 -16.67 1.17
CA GLY A 430 -26.81 -16.59 -0.21
C GLY A 430 -25.62 -16.55 -1.16
N PRO A 431 -25.86 -16.71 -2.46
CA PRO A 431 -24.79 -16.69 -3.46
C PRO A 431 -24.44 -15.29 -3.93
N TYR A 432 -23.21 -15.13 -4.37
CA TYR A 432 -22.70 -13.87 -4.91
C TYR A 432 -21.82 -14.25 -6.09
N ARG A 433 -22.31 -14.01 -7.31
CA ARG A 433 -21.55 -14.34 -8.51
C ARG A 433 -21.52 -13.16 -9.47
N ILE A 434 -20.36 -12.54 -9.55
CA ILE A 434 -20.18 -11.36 -10.37
C ILE A 434 -18.98 -11.50 -11.30
N LEU A 435 -19.09 -10.88 -12.48
CA LEU A 435 -18.02 -10.86 -13.46
C LEU A 435 -17.83 -9.41 -13.81
N ASN A 436 -16.75 -8.82 -13.31
CA ASN A 436 -16.49 -7.40 -13.59
C ASN A 436 -15.47 -7.22 -14.67
N LYS A 437 -15.67 -6.17 -15.46
CA LYS A 437 -14.76 -5.83 -16.54
C LYS A 437 -14.46 -4.36 -16.40
N GLN A 438 -13.23 -4.00 -16.74
CA GLN A 438 -12.77 -2.63 -16.69
C GLN A 438 -11.87 -2.45 -17.90
N LYS A 439 -11.87 -1.24 -18.46
CA LYS A 439 -11.08 -0.90 -19.62
C LYS A 439 -10.79 0.59 -19.50
N GLN A 440 -9.58 1.01 -19.88
CA GLN A 440 -9.21 2.42 -19.81
C GLN A 440 -8.14 2.72 -20.82
N THR A 441 -8.43 3.66 -21.71
CA THR A 441 -7.48 4.07 -22.71
C THR A 441 -7.34 5.54 -22.43
N GLY A 442 -6.09 6.02 -22.38
CA GLY A 442 -5.89 7.42 -22.11
C GLY A 442 -4.72 7.97 -22.89
N VAL A 443 -4.85 9.22 -23.32
CA VAL A 443 -3.80 9.89 -24.06
C VAL A 443 -3.41 11.09 -23.20
N TYR A 444 -2.11 11.32 -23.06
CA TYR A 444 -1.66 12.43 -22.24
C TYR A 444 -0.46 13.16 -22.84
N VAL A 445 -0.35 14.44 -22.48
CA VAL A 445 0.71 15.29 -22.97
C VAL A 445 1.22 16.07 -21.79
N GLN A 446 2.55 16.13 -21.67
CA GLN A 446 3.17 16.86 -20.58
C GLN A 446 4.47 17.48 -21.05
N ASP A 447 4.76 18.67 -20.54
CA ASP A 447 5.99 19.35 -20.91
C ASP A 447 6.68 19.91 -19.69
N GLN A 448 7.96 19.62 -19.60
CA GLN A 448 8.77 20.15 -18.52
C GLN A 448 9.62 21.20 -19.22
N ALA A 449 9.31 22.46 -18.96
CA ALA A 449 10.02 23.56 -19.58
C ALA A 449 10.89 24.25 -18.55
N GLN A 450 12.20 24.33 -18.83
CA GLN A 450 13.12 24.98 -17.91
C GLN A 450 13.70 26.24 -18.54
N TRP A 451 13.39 27.38 -17.92
CA TRP A 451 13.89 28.65 -18.39
C TRP A 451 14.88 29.17 -17.37
N ASP A 452 15.93 28.40 -17.13
CA ASP A 452 16.98 28.76 -16.19
C ASP A 452 16.41 29.08 -14.81
N LYS A 453 16.74 28.24 -13.83
CA LYS A 453 16.25 28.43 -12.46
C LYS A 453 14.73 28.31 -12.33
N VAL A 454 14.04 28.30 -13.46
CA VAL A 454 12.59 28.18 -13.46
C VAL A 454 12.17 26.94 -14.23
N LEU A 455 11.42 26.09 -13.54
CA LEU A 455 10.91 24.87 -14.16
C LEU A 455 9.40 24.89 -14.08
N VAL A 456 8.76 24.75 -15.23
CA VAL A 456 7.32 24.76 -15.29
C VAL A 456 6.78 23.45 -15.84
N THR A 457 6.09 22.73 -14.98
CA THR A 457 5.51 21.47 -15.40
C THR A 457 4.04 21.73 -15.70
N LEU A 458 3.58 21.23 -16.84
CA LEU A 458 2.18 21.42 -17.22
C LEU A 458 1.79 20.39 -18.24
N GLY A 459 0.66 19.71 -17.99
CA GLY A 459 0.20 18.70 -18.92
C GLY A 459 -1.25 18.31 -18.70
N GLY A 460 -1.74 17.39 -19.50
CA GLY A 460 -3.11 16.95 -19.37
C GLY A 460 -3.30 15.55 -19.91
N ARG A 461 -4.44 14.95 -19.61
CA ARG A 461 -4.75 13.61 -20.09
C ARG A 461 -6.24 13.40 -20.22
N TYR A 462 -6.61 12.65 -21.24
CA TYR A 462 -8.01 12.36 -21.49
C TYR A 462 -8.17 10.85 -21.37
N ASP A 463 -9.13 10.41 -20.55
CA ASP A 463 -9.34 8.98 -20.37
C ASP A 463 -10.68 8.42 -20.84
N TRP A 464 -10.63 7.16 -21.28
CA TRP A 464 -11.78 6.42 -21.75
C TRP A 464 -11.90 5.22 -20.83
N ALA A 465 -12.58 5.41 -19.70
CA ALA A 465 -12.74 4.35 -18.72
C ALA A 465 -14.14 3.75 -18.82
N ASP A 466 -14.21 2.55 -19.40
CA ASP A 466 -15.49 1.88 -19.53
C ASP A 466 -15.51 0.62 -18.66
N GLN A 467 -16.65 0.34 -18.05
CA GLN A 467 -16.80 -0.84 -17.20
C GLN A 467 -18.07 -1.58 -17.54
N GLU A 468 -18.15 -2.82 -17.09
CA GLU A 468 -19.29 -3.66 -17.34
C GLU A 468 -19.32 -4.75 -16.29
N SER A 469 -20.44 -4.85 -15.56
CA SER A 469 -20.60 -5.84 -14.52
C SER A 469 -21.77 -6.79 -14.76
N LEU A 470 -21.50 -8.09 -14.71
CA LEU A 470 -22.52 -9.10 -14.93
C LEU A 470 -22.84 -9.82 -13.63
N ASN A 471 -24.11 -9.79 -13.25
CA ASN A 471 -24.53 -10.49 -12.04
C ASN A 471 -25.09 -11.83 -12.51
N ARG A 472 -24.27 -12.87 -12.38
CA ARG A 472 -24.68 -14.21 -12.79
C ARG A 472 -25.89 -14.72 -12.02
N VAL A 473 -26.01 -14.34 -10.75
CA VAL A 473 -27.14 -14.77 -9.92
C VAL A 473 -28.44 -14.05 -10.29
N ALA A 474 -28.37 -12.75 -10.56
CA ALA A 474 -29.57 -12.00 -10.93
C ALA A 474 -29.71 -11.93 -12.44
N GLY A 475 -28.70 -12.44 -13.13
CA GLY A 475 -28.70 -12.44 -14.58
C GLY A 475 -28.77 -11.04 -15.17
N THR A 476 -28.33 -10.04 -14.42
CA THR A 476 -28.38 -8.66 -14.90
C THR A 476 -27.02 -8.11 -15.30
N THR A 477 -27.03 -7.02 -16.06
CA THR A 477 -25.79 -6.42 -16.52
C THR A 477 -25.75 -4.89 -16.44
N ASP A 478 -24.81 -4.37 -15.65
CA ASP A 478 -24.65 -2.93 -15.50
C ASP A 478 -23.42 -2.45 -16.26
N LYS A 479 -23.58 -1.33 -16.96
CA LYS A 479 -22.48 -0.80 -17.74
C LYS A 479 -22.39 0.72 -17.71
N ARG A 480 -21.20 1.22 -18.00
CA ARG A 480 -20.95 2.64 -18.05
C ARG A 480 -19.58 2.93 -18.66
N ASP A 481 -19.55 3.99 -19.47
CA ASP A 481 -18.34 4.42 -20.14
C ASP A 481 -18.11 5.86 -19.73
N ASP A 482 -17.01 6.12 -19.03
CA ASP A 482 -16.73 7.48 -18.63
C ASP A 482 -15.68 8.04 -19.54
N LYS A 483 -15.81 9.33 -19.82
CA LYS A 483 -14.87 10.05 -20.65
C LYS A 483 -14.48 11.17 -19.73
N GLN A 484 -13.21 11.21 -19.37
CA GLN A 484 -12.75 12.23 -18.44
C GLN A 484 -11.46 12.93 -18.83
N PHE A 485 -11.31 14.15 -18.31
CA PHE A 485 -10.15 14.96 -18.57
C PHE A 485 -9.57 15.43 -17.24
N THR A 486 -8.25 15.48 -17.17
CA THR A 486 -7.55 15.91 -15.98
C THR A 486 -6.29 16.61 -16.47
N TRP A 487 -5.80 17.58 -15.70
CA TRP A 487 -4.60 18.30 -16.07
C TRP A 487 -3.87 18.72 -14.80
N ARG A 488 -2.61 19.07 -14.97
CA ARG A 488 -1.79 19.50 -13.84
C ARG A 488 -0.81 20.53 -14.32
N GLY A 489 -0.56 21.51 -13.45
CA GLY A 489 0.38 22.57 -13.75
C GLY A 489 1.08 22.95 -12.47
N GLY A 490 2.37 23.26 -12.58
CA GLY A 490 3.14 23.64 -11.41
C GLY A 490 4.48 24.25 -11.78
N VAL A 491 5.12 24.86 -10.78
CA VAL A 491 6.40 25.50 -11.03
C VAL A 491 7.35 25.23 -9.89
N ASN A 492 8.61 24.99 -10.24
CA ASN A 492 9.66 24.74 -9.26
C ASN A 492 10.79 25.71 -9.49
N TYR A 493 10.89 26.74 -8.66
CA TYR A 493 11.96 27.70 -8.81
C TYR A 493 13.20 27.03 -8.23
N LEU A 494 14.08 26.61 -9.13
CA LEU A 494 15.29 25.92 -8.72
C LEU A 494 16.41 26.90 -8.40
N PHE A 495 16.80 26.94 -7.14
CA PHE A 495 17.87 27.83 -6.70
C PHE A 495 19.23 27.30 -7.11
N ASP A 496 20.19 27.35 -6.19
CA ASP A 496 21.54 26.88 -6.44
C ASP A 496 22.19 26.53 -5.12
N ASN A 497 21.67 27.12 -4.05
CA ASN A 497 22.17 26.88 -2.71
C ASN A 497 21.55 25.58 -2.20
N GLY A 498 20.43 25.21 -2.82
CA GLY A 498 19.74 23.99 -2.43
C GLY A 498 18.22 24.15 -2.46
N VAL A 499 17.71 24.99 -1.55
CA VAL A 499 16.27 25.23 -1.44
C VAL A 499 15.58 25.30 -2.80
N THR A 500 14.43 24.64 -2.90
CA THR A 500 13.68 24.63 -4.14
C THR A 500 12.20 24.79 -3.89
N PRO A 501 11.70 26.03 -4.01
CA PRO A 501 10.28 26.31 -3.80
C PRO A 501 9.46 25.78 -4.95
N TYR A 502 8.20 25.46 -4.68
CA TYR A 502 7.32 24.96 -5.72
C TYR A 502 5.86 25.11 -5.32
N PHE A 503 4.98 25.00 -6.31
CA PHE A 503 3.54 25.07 -6.08
C PHE A 503 2.91 24.44 -7.31
N SER A 504 1.69 23.94 -7.17
CA SER A 504 1.02 23.30 -8.29
C SER A 504 -0.44 22.96 -8.03
N TYR A 505 -1.15 22.70 -9.12
CA TYR A 505 -2.56 22.33 -9.07
C TYR A 505 -2.66 21.01 -9.84
N SER A 506 -3.44 20.06 -9.32
CA SER A 506 -3.58 18.77 -9.98
C SER A 506 -4.97 18.16 -9.82
N GLU A 507 -5.38 17.37 -10.80
CA GLU A 507 -6.68 16.73 -10.76
C GLU A 507 -6.60 15.21 -10.94
N SER A 508 -7.64 14.54 -10.46
CA SER A 508 -7.76 13.09 -10.56
C SER A 508 -9.24 12.77 -10.66
N PHE A 509 -9.56 11.64 -11.28
CA PHE A 509 -10.96 11.22 -11.41
C PHE A 509 -10.99 9.74 -11.08
N GLU A 510 -12.15 9.26 -10.65
CA GLU A 510 -12.29 7.86 -10.29
C GLU A 510 -13.74 7.43 -10.48
N PRO A 511 -13.97 6.50 -11.41
CA PRO A 511 -15.31 6.00 -11.71
C PRO A 511 -15.93 5.27 -10.53
N SER A 512 -17.25 5.28 -10.48
CA SER A 512 -17.96 4.57 -9.43
C SER A 512 -18.31 3.21 -10.00
N SER A 513 -18.70 2.28 -9.15
CA SER A 513 -19.09 0.96 -9.61
C SER A 513 -20.46 0.67 -8.98
N GLN A 514 -20.87 1.54 -8.07
CA GLN A 514 -22.16 1.41 -7.41
C GLN A 514 -23.28 1.90 -8.32
N VAL A 515 -24.46 1.31 -8.14
CA VAL A 515 -25.60 1.65 -8.94
C VAL A 515 -26.66 2.33 -8.09
N GLY A 516 -27.17 3.47 -8.57
CA GLY A 516 -28.16 4.22 -7.82
C GLY A 516 -29.58 3.66 -7.88
N LYS A 517 -30.54 4.41 -7.33
CA LYS A 517 -31.92 3.96 -7.33
C LYS A 517 -32.51 3.94 -8.74
N ASP A 518 -31.93 4.73 -9.63
CA ASP A 518 -32.42 4.80 -11.00
C ASP A 518 -31.93 3.59 -11.82
N GLY A 519 -31.15 2.72 -11.18
CA GLY A 519 -30.63 1.55 -11.86
C GLY A 519 -29.41 1.81 -12.74
N ASN A 520 -28.74 2.94 -12.51
CA ASN A 520 -27.56 3.29 -13.28
C ASN A 520 -26.30 3.44 -12.44
N ILE A 521 -25.15 3.41 -13.12
CA ILE A 521 -23.86 3.56 -12.46
C ILE A 521 -23.62 5.05 -12.18
N PHE A 522 -23.34 5.39 -10.92
CA PHE A 522 -23.08 6.78 -10.56
C PHE A 522 -21.96 7.38 -11.42
N ALA A 523 -21.85 8.69 -11.37
CA ALA A 523 -20.83 9.39 -12.11
C ALA A 523 -19.54 9.34 -11.30
N PRO A 524 -18.39 9.53 -11.95
CA PRO A 524 -17.08 9.50 -11.31
C PRO A 524 -16.88 10.57 -10.23
N SER A 525 -16.04 10.27 -9.24
CA SER A 525 -15.75 11.26 -8.21
C SER A 525 -14.50 11.96 -8.73
N LYS A 526 -14.26 13.19 -8.28
CA LYS A 526 -13.10 13.91 -8.77
C LYS A 526 -12.22 14.45 -7.66
N GLY A 527 -10.92 14.55 -7.97
CA GLY A 527 -9.98 15.08 -7.01
C GLY A 527 -9.39 16.40 -7.48
N LYS A 528 -9.29 17.35 -6.55
CA LYS A 528 -8.73 18.66 -6.85
C LYS A 528 -7.79 19.01 -5.70
N GLN A 529 -6.52 19.30 -6.04
CA GLN A 529 -5.52 19.65 -5.03
C GLN A 529 -4.65 20.85 -5.39
N TYR A 530 -4.46 21.71 -4.39
CA TYR A 530 -3.63 22.90 -4.50
C TYR A 530 -2.52 22.62 -3.51
N GLU A 531 -1.27 22.69 -3.96
CA GLU A 531 -0.16 22.43 -3.06
C GLU A 531 1.01 23.39 -3.25
N VAL A 532 1.63 23.76 -2.15
CA VAL A 532 2.77 24.66 -2.16
C VAL A 532 3.75 24.16 -1.11
N GLY A 533 5.03 24.32 -1.38
CA GLY A 533 6.04 23.89 -0.43
C GLY A 533 7.42 24.09 -1.01
N VAL A 534 8.44 23.85 -0.21
CA VAL A 534 9.81 23.99 -0.68
C VAL A 534 10.56 22.69 -0.47
N LYS A 535 11.48 22.39 -1.37
CA LYS A 535 12.27 21.17 -1.28
C LYS A 535 13.76 21.49 -1.18
N TYR A 536 14.37 21.14 -0.05
CA TYR A 536 15.78 21.40 0.11
C TYR A 536 16.57 20.17 -0.30
N VAL A 537 17.10 20.22 -1.51
CA VAL A 537 17.90 19.13 -2.03
C VAL A 537 19.28 19.66 -2.39
N PRO A 538 20.14 19.84 -1.38
CA PRO A 538 21.50 20.34 -1.56
C PRO A 538 22.39 19.36 -2.33
N GLU A 539 22.97 19.81 -3.42
CA GLU A 539 23.82 18.98 -4.26
C GLU A 539 25.21 18.70 -3.67
N ASP A 540 25.57 19.42 -2.62
CA ASP A 540 26.88 19.24 -2.00
C ASP A 540 26.88 18.48 -0.67
N ARG A 541 25.71 18.25 -0.10
CA ARG A 541 25.61 17.53 1.17
C ARG A 541 24.55 16.43 1.06
N PRO A 542 24.85 15.22 1.60
CA PRO A 542 23.93 14.08 1.56
C PRO A 542 22.75 14.24 2.51
N ILE A 543 21.86 15.18 2.18
CA ILE A 543 20.69 15.42 3.01
C ILE A 543 19.54 15.91 2.13
N VAL A 544 18.32 15.55 2.51
CA VAL A 544 17.15 15.98 1.77
C VAL A 544 16.08 16.36 2.79
N VAL A 545 15.42 17.48 2.53
CA VAL A 545 14.38 17.96 3.41
C VAL A 545 13.27 18.53 2.58
N THR A 546 12.05 18.08 2.83
CA THR A 546 10.91 18.57 2.09
C THR A 546 9.84 19.01 3.06
N GLY A 547 9.03 19.95 2.60
CA GLY A 547 7.93 20.48 3.39
C GLY A 547 6.84 20.85 2.41
N ALA A 548 5.58 20.70 2.83
CA ALA A 548 4.48 21.04 1.94
C ALA A 548 3.17 21.13 2.68
N VAL A 549 2.31 22.03 2.18
CA VAL A 549 0.99 22.24 2.73
C VAL A 549 0.11 22.12 1.50
N TYR A 550 -1.07 21.49 1.67
CA TYR A 550 -1.95 21.26 0.53
C TYR A 550 -3.43 21.32 0.86
N ASN A 551 -4.25 21.55 -0.16
CA ASN A 551 -5.70 21.54 -0.02
C ASN A 551 -6.22 20.56 -1.06
N LEU A 552 -6.66 19.40 -0.58
CA LEU A 552 -7.18 18.34 -1.44
C LEU A 552 -8.67 18.12 -1.27
N THR A 553 -9.40 18.17 -2.37
CA THR A 553 -10.85 17.99 -2.32
C THR A 553 -11.41 16.93 -3.27
N LYS A 554 -12.19 16.01 -2.69
CA LYS A 554 -12.83 14.95 -3.44
C LYS A 554 -14.31 15.29 -3.62
N THR A 555 -14.73 15.50 -4.85
CA THR A 555 -16.13 15.85 -5.10
C THR A 555 -16.93 14.70 -5.72
N ASN A 556 -18.24 14.77 -5.54
CA ASN A 556 -19.15 13.76 -6.04
C ASN A 556 -18.96 12.45 -5.29
N ASN A 557 -18.74 12.59 -4.00
CA ASN A 557 -18.55 11.45 -3.12
C ASN A 557 -19.94 10.85 -2.90
N LEU A 558 -20.06 9.53 -2.93
CA LEU A 558 -21.37 8.92 -2.71
C LEU A 558 -21.78 9.01 -1.24
N MET A 559 -23.01 9.45 -0.99
CA MET A 559 -23.51 9.57 0.38
C MET A 559 -24.91 8.97 0.54
N ALA A 560 -25.41 8.98 1.76
CA ALA A 560 -26.72 8.41 2.05
C ALA A 560 -27.87 9.19 1.43
N ASP A 561 -28.87 8.45 0.97
CA ASP A 561 -30.03 9.05 0.36
C ASP A 561 -30.77 9.85 1.44
N PRO A 562 -30.97 11.15 1.21
CA PRO A 562 -31.66 12.04 2.15
C PRO A 562 -32.91 11.42 2.82
N GLU A 563 -33.50 10.42 2.18
CA GLU A 563 -34.68 9.73 2.73
C GLU A 563 -34.52 8.21 2.68
N GLY A 564 -33.63 7.69 3.53
CA GLY A 564 -33.36 6.26 3.60
C GLY A 564 -33.94 5.40 2.49
N SER A 565 -33.08 4.84 1.64
CA SER A 565 -33.57 4.03 0.54
C SER A 565 -32.68 2.85 0.18
N PHE A 566 -31.62 2.63 0.97
CA PHE A 566 -30.69 1.54 0.69
C PHE A 566 -29.77 1.91 -0.47
N PHE A 567 -30.19 2.92 -1.23
CA PHE A 567 -29.39 3.40 -2.36
C PHE A 567 -28.62 4.63 -1.94
N SER A 568 -27.48 4.86 -2.59
CA SER A 568 -26.67 6.03 -2.27
C SER A 568 -27.03 7.14 -3.23
N VAL A 569 -26.54 8.33 -2.92
CA VAL A 569 -26.76 9.49 -3.76
C VAL A 569 -25.39 10.09 -3.93
N GLU A 570 -25.16 10.78 -5.03
CA GLU A 570 -23.87 11.40 -5.27
C GLU A 570 -23.89 12.84 -4.79
N GLY A 571 -22.91 13.64 -5.19
CA GLY A 571 -22.89 15.02 -4.76
C GLY A 571 -22.18 15.27 -3.45
N GLY A 572 -21.81 14.22 -2.75
CA GLY A 572 -21.12 14.40 -1.48
C GLY A 572 -19.76 15.02 -1.72
N GLU A 573 -19.13 15.52 -0.67
CA GLU A 573 -17.83 16.13 -0.82
C GLU A 573 -16.99 16.00 0.46
N ILE A 574 -15.69 15.80 0.30
CA ILE A 574 -14.78 15.69 1.45
C ILE A 574 -13.50 16.47 1.20
N ARG A 575 -13.02 17.17 2.23
CA ARG A 575 -11.79 17.93 2.10
C ARG A 575 -10.71 17.48 3.08
N ALA A 576 -9.47 17.55 2.62
CA ALA A 576 -8.32 17.20 3.42
C ALA A 576 -7.22 18.25 3.15
N ARG A 577 -6.88 18.99 4.20
CA ARG A 577 -5.83 19.99 4.09
C ARG A 577 -4.81 19.61 5.14
N GLY A 578 -3.53 19.74 4.83
CA GLY A 578 -2.52 19.36 5.80
C GLY A 578 -1.11 19.81 5.51
N VAL A 579 -0.20 19.36 6.38
CA VAL A 579 1.20 19.71 6.25
C VAL A 579 2.06 18.47 6.38
N GLU A 580 3.04 18.33 5.51
CA GLU A 580 3.93 17.19 5.52
C GLU A 580 5.38 17.65 5.46
N ILE A 581 6.20 17.06 6.31
CA ILE A 581 7.61 17.39 6.31
C ILE A 581 8.34 16.06 6.39
N GLU A 582 9.31 15.88 5.52
CA GLU A 582 10.10 14.67 5.52
C GLU A 582 11.56 15.10 5.57
N ALA A 583 12.36 14.33 6.30
CA ALA A 583 13.76 14.66 6.42
C ALA A 583 14.63 13.40 6.48
N LYS A 584 15.63 13.37 5.59
CA LYS A 584 16.58 12.27 5.49
C LYS A 584 17.97 12.89 5.43
N ALA A 585 18.89 12.45 6.30
CA ALA A 585 20.22 13.02 6.29
C ALA A 585 21.28 12.19 7.01
N ALA A 586 22.52 12.32 6.57
CA ALA A 586 23.64 11.62 7.18
C ALA A 586 24.34 12.65 8.08
N LEU A 587 23.94 12.69 9.36
CA LEU A 587 24.50 13.64 10.31
C LEU A 587 26.01 13.52 10.52
N SER A 588 26.56 12.36 10.19
CA SER A 588 28.00 12.12 10.33
C SER A 588 28.40 10.93 9.48
N ALA A 589 29.58 10.38 9.71
CA ALA A 589 30.03 9.24 8.92
C ALA A 589 29.47 7.93 9.43
N SER A 590 28.90 7.96 10.63
CA SER A 590 28.33 6.75 11.23
C SER A 590 26.89 6.93 11.70
N VAL A 591 26.34 8.13 11.53
CA VAL A 591 24.97 8.42 11.95
C VAL A 591 24.07 8.89 10.82
N ASN A 592 23.03 8.11 10.56
CA ASN A 592 22.04 8.44 9.54
C ASN A 592 20.69 8.59 10.23
N VAL A 593 19.90 9.55 9.77
CA VAL A 593 18.59 9.76 10.34
C VAL A 593 17.56 10.08 9.28
N VAL A 594 16.37 9.56 9.51
CA VAL A 594 15.25 9.76 8.61
C VAL A 594 14.00 9.92 9.47
N GLY A 595 13.10 10.81 9.06
CA GLY A 595 11.89 11.01 9.82
C GLY A 595 10.93 11.96 9.13
N SER A 596 9.72 12.03 9.66
CA SER A 596 8.72 12.92 9.06
C SER A 596 7.69 13.30 10.09
N TYR A 597 6.81 14.21 9.69
CA TYR A 597 5.72 14.65 10.55
C TYR A 597 4.57 14.97 9.60
N THR A 598 3.37 14.57 9.99
CA THR A 598 2.21 14.82 9.15
C THR A 598 1.05 15.39 9.93
N TYR A 599 0.41 16.40 9.35
CA TYR A 599 -0.77 17.01 9.96
C TYR A 599 -1.89 16.87 8.94
N THR A 600 -2.93 16.14 9.31
CA THR A 600 -4.05 15.93 8.40
C THR A 600 -5.38 16.41 8.97
N ASP A 601 -6.04 17.30 8.24
CA ASP A 601 -7.33 17.84 8.65
C ASP A 601 -8.35 17.38 7.62
N ALA A 602 -8.86 16.17 7.80
CA ALA A 602 -9.84 15.60 6.88
C ALA A 602 -11.25 15.90 7.37
N GLU A 603 -12.11 16.38 6.46
CA GLU A 603 -13.46 16.71 6.85
C GLU A 603 -14.54 16.49 5.80
N TYR A 604 -15.69 16.03 6.27
CA TYR A 604 -16.84 15.81 5.41
C TYR A 604 -17.46 17.18 5.16
N THR A 605 -17.30 17.69 3.93
CA THR A 605 -17.84 18.98 3.54
C THR A 605 -19.34 18.89 3.27
N THR A 606 -19.73 17.98 2.39
CA THR A 606 -21.12 17.80 2.05
C THR A 606 -21.45 16.33 2.27
N ASP A 607 -22.44 16.08 3.13
CA ASP A 607 -22.85 14.71 3.39
C ASP A 607 -24.16 14.61 4.17
N THR A 608 -25.00 13.69 3.75
CA THR A 608 -26.30 13.47 4.35
C THR A 608 -26.21 13.15 5.85
N THR A 609 -25.62 12.00 6.16
CA THR A 609 -25.50 11.54 7.55
C THR A 609 -24.34 12.13 8.34
N TYR A 610 -23.27 12.51 7.65
CA TYR A 610 -22.10 13.08 8.31
C TYR A 610 -21.96 14.53 7.86
N LYS A 611 -20.98 15.23 8.42
CA LYS A 611 -20.78 16.63 8.08
C LYS A 611 -19.92 17.11 9.22
N GLY A 612 -18.78 17.71 8.91
CA GLY A 612 -17.90 18.18 9.97
C GLY A 612 -17.15 17.01 10.59
N ASN A 613 -17.62 15.79 10.32
CA ASN A 613 -16.99 14.60 10.84
C ASN A 613 -15.72 14.35 10.04
N THR A 614 -14.75 13.68 10.66
CA THR A 614 -13.52 13.36 9.96
C THR A 614 -13.65 11.86 9.62
N PRO A 615 -13.27 11.46 8.40
CA PRO A 615 -13.41 10.03 8.10
C PRO A 615 -12.59 9.13 9.01
N ALA A 616 -13.08 7.92 9.23
CA ALA A 616 -12.42 6.96 10.10
C ALA A 616 -11.03 6.57 9.68
N GLN A 617 -10.25 6.10 10.65
CA GLN A 617 -8.89 5.63 10.44
C GLN A 617 -7.83 6.66 10.05
N VAL A 618 -8.20 7.94 9.99
CA VAL A 618 -7.19 8.95 9.63
C VAL A 618 -6.93 9.91 10.77
N PRO A 619 -5.77 9.78 11.42
CA PRO A 619 -5.34 10.63 12.55
C PRO A 619 -5.05 12.06 12.12
N LYS A 620 -5.14 12.99 13.05
CA LYS A 620 -4.87 14.38 12.74
C LYS A 620 -3.36 14.57 12.73
N HIS A 621 -2.69 13.87 13.64
CA HIS A 621 -1.25 13.96 13.76
C HIS A 621 -0.57 12.60 13.63
N MET A 622 0.49 12.57 12.83
CA MET A 622 1.29 11.37 12.63
C MET A 622 2.74 11.81 12.61
N ALA A 623 3.63 10.93 13.05
CA ALA A 623 5.04 11.26 13.02
C ALA A 623 5.90 10.03 13.25
N SER A 624 7.11 10.09 12.72
CA SER A 624 8.06 9.00 12.85
C SER A 624 9.47 9.58 12.73
N LEU A 625 10.43 8.90 13.35
CA LEU A 625 11.81 9.33 13.31
C LEU A 625 12.68 8.10 13.48
N TRP A 626 13.78 8.06 12.72
CA TRP A 626 14.69 6.92 12.79
C TRP A 626 16.15 7.32 12.68
N ALA A 627 17.00 6.65 13.44
CA ALA A 627 18.44 6.91 13.43
C ALA A 627 19.24 5.64 13.60
N ASP A 628 20.41 5.60 12.98
CA ASP A 628 21.29 4.44 13.08
C ASP A 628 22.73 4.88 13.29
N TYR A 629 23.51 4.02 13.96
CA TYR A 629 24.91 4.33 14.24
C TYR A 629 25.79 3.14 13.85
N THR A 630 26.82 3.41 13.07
CA THR A 630 27.72 2.35 12.65
C THR A 630 29.10 2.62 13.26
N PHE A 631 29.74 1.55 13.72
CA PHE A 631 31.06 1.65 14.33
C PHE A 631 32.20 1.31 13.40
N PHE A 632 33.06 2.28 13.13
CA PHE A 632 34.24 2.08 12.28
C PHE A 632 35.47 2.32 13.15
N ASP A 633 35.29 2.17 14.46
CA ASP A 633 36.37 2.40 15.42
C ASP A 633 36.99 1.14 16.04
N GLY A 634 36.94 1.07 17.36
CA GLY A 634 37.50 -0.05 18.10
C GLY A 634 37.13 -1.46 17.68
N PRO A 635 36.97 -2.38 18.64
CA PRO A 635 36.61 -3.78 18.43
C PRO A 635 35.16 -3.99 18.00
N LEU A 636 34.40 -2.90 17.99
CA LEU A 636 33.00 -2.94 17.60
C LEU A 636 32.86 -2.45 16.17
N SER A 637 33.91 -2.65 15.38
CA SER A 637 33.91 -2.22 13.98
C SER A 637 32.93 -3.05 13.18
N GLY A 638 32.19 -2.38 12.28
CA GLY A 638 31.22 -3.06 11.45
C GLY A 638 29.92 -3.34 12.18
N LEU A 639 29.77 -2.75 13.36
CA LEU A 639 28.58 -2.94 14.17
C LEU A 639 27.61 -1.78 13.99
N THR A 640 26.41 -2.07 13.54
CA THR A 640 25.40 -1.03 13.34
C THR A 640 24.28 -1.17 14.36
N LEU A 641 23.91 -0.05 14.95
CA LEU A 641 22.84 -0.02 15.92
C LEU A 641 21.85 1.00 15.42
N GLY A 642 20.57 0.63 15.41
CA GLY A 642 19.58 1.58 14.93
C GLY A 642 18.27 1.44 15.68
N THR A 643 17.53 2.53 15.75
CA THR A 643 16.27 2.50 16.44
C THR A 643 15.38 3.61 15.89
N GLY A 644 14.08 3.42 15.99
CA GLY A 644 13.16 4.43 15.49
C GLY A 644 11.84 4.41 16.22
N GLY A 645 11.07 5.47 16.06
CA GLY A 645 9.79 5.55 16.72
C GLY A 645 8.72 6.02 15.77
N ARG A 646 7.58 5.35 15.80
CA ARG A 646 6.47 5.74 14.96
C ARG A 646 5.28 6.13 15.80
N TYR A 647 4.90 7.40 15.68
CA TYR A 647 3.77 7.94 16.42
C TYR A 647 2.53 8.02 15.53
N THR A 648 1.45 7.41 16.02
CA THR A 648 0.18 7.45 15.31
C THR A 648 -0.81 8.14 16.24
N GLY A 649 -1.28 9.32 15.82
CA GLY A 649 -2.24 10.05 16.62
C GLY A 649 -3.56 9.33 16.82
N SER A 650 -4.48 9.95 17.54
CA SER A 650 -5.77 9.32 17.77
C SER A 650 -6.58 9.49 16.49
N SER A 651 -7.60 8.65 16.31
CA SER A 651 -8.45 8.73 15.12
C SER A 651 -9.85 8.19 15.45
N TYR A 652 -10.81 8.53 14.60
CA TYR A 652 -12.16 8.06 14.82
C TYR A 652 -12.32 6.64 14.28
N GLY A 653 -13.19 5.85 14.90
CA GLY A 653 -13.40 4.47 14.46
C GLY A 653 -14.69 4.20 13.70
N ASP A 654 -15.26 5.23 13.08
CA ASP A 654 -16.48 5.07 12.30
C ASP A 654 -16.86 6.40 11.70
N PRO A 655 -17.61 6.40 10.60
CA PRO A 655 -18.01 7.65 9.94
C PRO A 655 -18.79 8.57 10.87
N ALA A 656 -19.62 7.97 11.72
CA ALA A 656 -20.44 8.73 12.67
C ALA A 656 -19.60 9.39 13.76
N ASN A 657 -18.34 8.98 13.87
CA ASN A 657 -17.45 9.51 14.89
C ASN A 657 -18.11 9.31 16.25
N SER A 658 -18.66 8.13 16.50
CA SER A 658 -19.31 7.89 17.77
C SER A 658 -18.28 7.55 18.84
N PHE A 659 -17.07 7.23 18.42
CA PHE A 659 -16.01 6.91 19.36
C PHE A 659 -14.66 7.20 18.74
N LYS A 660 -13.59 7.00 19.51
CA LYS A 660 -12.25 7.27 19.00
C LYS A 660 -11.22 6.23 19.39
N VAL A 661 -10.29 5.99 18.48
CA VAL A 661 -9.21 5.06 18.71
C VAL A 661 -8.03 5.88 19.22
N GLY A 662 -7.38 5.40 20.26
CA GLY A 662 -6.27 6.12 20.85
C GLY A 662 -4.97 6.19 20.09
N SER A 663 -4.18 7.21 20.41
CA SER A 663 -2.88 7.41 19.78
C SER A 663 -1.93 6.36 20.34
N TYR A 664 -0.78 6.20 19.68
CA TYR A 664 0.20 5.23 20.10
C TYR A 664 1.55 5.47 19.44
N THR A 665 2.58 4.89 20.07
CA THR A 665 3.93 5.03 19.58
C THR A 665 4.63 3.70 19.66
N VAL A 666 5.07 3.22 18.51
CA VAL A 666 5.75 1.95 18.46
C VAL A 666 7.22 2.20 18.23
N VAL A 667 8.04 1.37 18.87
CA VAL A 667 9.48 1.50 18.75
C VAL A 667 10.07 0.27 18.12
N ASP A 668 10.98 0.51 17.18
CA ASP A 668 11.67 -0.55 16.49
C ASP A 668 13.16 -0.38 16.68
N ALA A 669 13.89 -1.48 16.62
CA ALA A 669 15.34 -1.47 16.77
C ALA A 669 16.02 -2.66 16.12
N LEU A 670 17.27 -2.46 15.72
CA LEU A 670 18.03 -3.52 15.08
C LEU A 670 19.52 -3.46 15.43
N VAL A 671 20.18 -4.58 15.26
CA VAL A 671 21.62 -4.67 15.50
C VAL A 671 22.16 -5.46 14.33
N ARG A 672 22.97 -4.78 13.53
CA ARG A 672 23.55 -5.36 12.34
C ARG A 672 25.06 -5.41 12.51
N TYR A 673 25.66 -6.53 12.12
CA TYR A 673 27.11 -6.67 12.20
C TYR A 673 27.69 -7.02 10.83
N ASP A 674 28.45 -6.11 10.26
CA ASP A 674 29.09 -6.33 8.97
C ASP A 674 30.01 -7.53 9.02
N LEU A 675 29.47 -8.71 8.70
CA LEU A 675 30.23 -9.95 8.73
C LEU A 675 31.51 -9.87 7.91
N ALA A 676 31.69 -8.77 7.18
CA ALA A 676 32.88 -8.58 6.36
C ALA A 676 34.08 -8.24 7.24
N ARG A 677 34.27 -9.03 8.29
CA ARG A 677 35.37 -8.83 9.22
C ARG A 677 35.82 -10.20 9.69
N VAL A 678 35.26 -11.22 9.03
CA VAL A 678 35.58 -12.62 9.32
C VAL A 678 35.85 -13.23 7.94
N GLY A 679 36.28 -12.38 7.02
CA GLY A 679 36.56 -12.82 5.67
C GLY A 679 35.33 -12.57 4.82
N MET A 680 34.24 -13.25 5.16
CA MET A 680 33.00 -13.11 4.44
C MET A 680 32.61 -11.63 4.30
N ALA A 681 32.98 -11.03 3.18
CA ALA A 681 32.66 -9.63 2.94
C ALA A 681 31.35 -9.55 2.18
N GLY A 682 30.61 -8.47 2.40
CA GLY A 682 29.34 -8.29 1.73
C GLY A 682 28.23 -8.98 2.49
N SER A 683 28.61 -9.95 3.32
CA SER A 683 27.66 -10.69 4.12
C SER A 683 27.42 -9.97 5.44
N ASN A 684 26.46 -10.43 6.21
CA ASN A 684 26.13 -9.81 7.48
C ASN A 684 25.05 -10.59 8.21
N VAL A 685 24.93 -10.32 9.49
CA VAL A 685 23.94 -10.96 10.34
C VAL A 685 23.21 -9.83 11.01
N ALA A 686 21.91 -9.99 11.21
CA ALA A 686 21.14 -8.93 11.86
C ALA A 686 20.06 -9.45 12.79
N LEU A 687 19.72 -8.61 13.76
CA LEU A 687 18.67 -8.94 14.69
C LEU A 687 17.68 -7.78 14.67
N HIS A 688 16.43 -8.09 14.32
CA HIS A 688 15.39 -7.07 14.25
C HIS A 688 14.31 -7.31 15.28
N VAL A 689 13.88 -6.24 15.94
CA VAL A 689 12.82 -6.34 16.92
C VAL A 689 11.82 -5.25 16.63
N ASN A 690 10.58 -5.64 16.39
CA ASN A 690 9.55 -4.64 16.12
C ASN A 690 8.63 -4.52 17.31
N ASN A 691 8.26 -3.29 17.64
CA ASN A 691 7.41 -3.02 18.79
C ASN A 691 8.18 -3.60 19.99
N LEU A 692 9.36 -3.01 20.18
CA LEU A 692 10.28 -3.38 21.24
C LEU A 692 9.62 -3.47 22.61
N PHE A 693 8.84 -2.46 22.95
CA PHE A 693 8.17 -2.43 24.24
C PHE A 693 6.90 -3.27 24.26
N ASP A 694 6.73 -4.08 23.22
CA ASP A 694 5.56 -4.95 23.09
C ASP A 694 4.25 -4.24 23.48
N ARG A 695 4.11 -2.98 23.08
CA ARG A 695 2.92 -2.22 23.39
C ARG A 695 1.64 -2.83 22.82
N GLU A 696 0.56 -2.83 23.60
CA GLU A 696 -0.72 -3.35 23.14
C GLU A 696 -1.57 -2.18 22.68
N TYR A 697 -1.96 -2.18 21.41
CA TYR A 697 -2.76 -1.10 20.88
C TYR A 697 -3.69 -1.58 19.79
N VAL A 698 -4.66 -0.74 19.46
CA VAL A 698 -5.62 -1.03 18.42
C VAL A 698 -5.19 -0.14 17.27
N ALA A 699 -4.76 -0.77 16.18
CA ALA A 699 -4.28 -0.07 14.99
C ALA A 699 -5.27 0.98 14.56
N SER A 700 -6.49 0.55 14.33
CA SER A 700 -7.56 1.45 13.93
C SER A 700 -8.85 0.64 13.84
N CYS A 701 -9.92 1.32 13.47
CA CYS A 701 -11.22 0.70 13.31
C CYS A 701 -11.87 1.42 12.13
N PHE A 702 -12.58 0.71 11.27
CA PHE A 702 -13.24 1.39 10.16
C PHE A 702 -14.68 1.59 10.56
N ASN A 703 -15.07 0.90 11.63
CA ASN A 703 -16.42 1.00 12.19
C ASN A 703 -16.49 0.29 13.55
N THR A 704 -17.56 0.53 14.30
CA THR A 704 -17.75 -0.06 15.64
C THR A 704 -17.59 -1.57 15.73
N TYR A 705 -17.71 -2.26 14.60
CA TYR A 705 -17.57 -3.70 14.59
C TYR A 705 -16.33 -4.14 13.79
N GLY A 706 -15.55 -3.16 13.32
CA GLY A 706 -14.35 -3.46 12.55
C GLY A 706 -13.09 -2.82 13.10
N CYS A 707 -12.48 -3.48 14.09
CA CYS A 707 -11.26 -2.99 14.73
C CYS A 707 -10.13 -3.99 14.59
N PHE A 708 -8.89 -3.51 14.67
CA PHE A 708 -7.74 -4.39 14.51
C PHE A 708 -6.64 -4.20 15.53
N TRP A 709 -6.31 -5.28 16.23
CA TRP A 709 -5.22 -5.22 17.20
C TRP A 709 -3.96 -4.88 16.44
N GLY A 710 -3.07 -4.13 17.07
CA GLY A 710 -1.81 -3.77 16.45
C GLY A 710 -0.89 -4.98 16.45
N ALA A 711 0.33 -4.82 15.92
CA ALA A 711 1.28 -5.92 15.87
C ALA A 711 2.02 -6.07 17.19
N GLU A 712 2.01 -7.28 17.73
CA GLU A 712 2.72 -7.53 18.96
C GLU A 712 4.18 -7.74 18.67
N ARG A 713 5.03 -7.34 19.62
CA ARG A 713 6.48 -7.45 19.49
C ARG A 713 6.96 -8.68 18.71
N GLN A 714 7.79 -8.43 17.71
CA GLN A 714 8.35 -9.48 16.87
C GLN A 714 9.87 -9.44 16.91
N VAL A 715 10.49 -10.62 16.82
CA VAL A 715 11.95 -10.73 16.84
C VAL A 715 12.40 -11.60 15.67
N VAL A 716 13.27 -11.06 14.83
CA VAL A 716 13.77 -11.77 13.67
C VAL A 716 15.28 -11.73 13.55
N ALA A 717 15.86 -12.87 13.20
CA ALA A 717 17.30 -12.96 13.02
C ALA A 717 17.50 -13.21 11.54
N THR A 718 18.32 -12.39 10.91
CA THR A 718 18.56 -12.57 9.49
C THR A 718 20.04 -12.69 9.14
N ALA A 719 20.35 -13.69 8.32
CA ALA A 719 21.72 -13.93 7.88
C ALA A 719 21.74 -13.91 6.35
N THR A 720 22.25 -12.82 5.78
CA THR A 720 22.32 -12.72 4.33
C THR A 720 23.76 -12.86 3.86
N PHE A 721 24.03 -13.92 3.09
CA PHE A 721 25.37 -14.19 2.60
C PHE A 721 25.62 -13.86 1.13
N ARG A 722 26.74 -13.18 0.87
CA ARG A 722 27.14 -12.79 -0.48
C ARG A 722 28.28 -13.68 -0.95
N PHE A 723 28.04 -14.50 -1.96
CA PHE A 723 29.07 -15.36 -2.53
C PHE A 723 29.81 -14.63 -3.64
C1 GP1 B . -11.37 -10.01 -23.75
C2 GP1 B . -10.07 -9.97 -24.56
C3 GP1 B . -9.80 -11.27 -25.37
C4 GP1 B . -9.82 -12.42 -24.36
C5 GP1 B . -11.16 -12.42 -23.60
C6 GP1 B . -11.26 -13.58 -22.62
N2 GP1 B . -9.91 -8.73 -25.32
O1 GP1 B . -12.54 -10.06 -24.60
O3 GP1 B . -8.50 -11.19 -25.97
O4 GP1 B . -9.64 -13.68 -25.04
O6 GP1 B . -10.03 -14.31 -22.50
O5 GP1 B . -11.33 -11.17 -22.90
O7B GP1 B . -13.30 -7.77 -24.56
P4B GP1 B . -13.64 -9.14 -24.12
O8B GP1 B . -13.72 -9.25 -22.64
O9B GP1 B . -14.91 -9.60 -24.75
C1 GP4 B . -9.62 -14.53 -21.16
C2 GP4 B . -8.10 -14.67 -21.05
C3 GP4 B . -7.53 -16.11 -20.78
C4 GP4 B . -8.49 -16.95 -19.93
C5 GP4 B . -9.86 -16.88 -20.58
C6 GP4 B . -10.84 -17.83 -19.91
N2 GP4 B . -7.42 -13.96 -22.12
O3 GP4 B . -6.27 -15.97 -20.08
O4 GP4 B . -8.04 -18.33 -19.91
O6 GP4 B . -12.15 -17.64 -20.46
O5 GP4 B . -10.36 -15.55 -20.46
O7A GP4 B . -6.40 -18.21 -18.15
P4A GP4 B . -7.72 -18.80 -18.53
O8A GP4 B . -7.64 -20.28 -18.57
O9A GP4 B . -8.81 -18.33 -17.62
C1 KDO B . -12.49 -19.98 -20.10
O1A KDO B . -12.52 -20.65 -19.05
O1B KDO B . -11.98 -20.40 -21.16
C2 KDO B . -13.11 -18.59 -20.09
C3 KDO B . -14.29 -18.55 -21.08
C4 KDO B . -15.07 -17.24 -20.95
O4 KDO B . -16.23 -17.24 -21.81
C5 KDO B . -15.50 -17.07 -19.49
O5 KDO B . -16.30 -18.21 -19.09
C6 KDO B . -14.22 -17.02 -18.64
O6 KDO B . -13.54 -18.30 -18.75
C7 KDO B . -14.53 -16.68 -17.19
O7 KDO B . -14.68 -15.27 -17.09
C8 KDO B . -13.40 -17.11 -16.26
O8 KDO B . -12.29 -16.24 -16.38
C1 GMH B . -17.34 -18.03 -18.16
C2 GMH B . -18.18 -19.34 -18.01
C3 GMH B . -19.03 -19.65 -19.31
C4 GMH B . -19.76 -18.33 -19.73
C5 GMH B . -18.87 -17.05 -19.74
C6 GMH B . -19.72 -15.80 -20.01
C7 GMH B . -18.86 -14.54 -20.12
O2 GMH B . -19.05 -19.19 -16.91
O3 GMH B . -20.07 -20.67 -19.14
O4 GMH B . -20.35 -18.49 -21.04
O5 GMH B . -18.18 -16.91 -18.49
O6 GMH B . -20.68 -15.63 -18.97
O7 GMH B . -19.66 -13.45 -20.53
C1 GPH B . -19.97 -21.99 -18.61
C2 GPH B . -20.54 -23.02 -19.58
C3 GPH B . -19.93 -24.44 -19.37
C4 GPH B . -19.44 -24.72 -17.91
C5 GPH B . -18.75 -23.52 -17.27
C6 GPH B . -17.36 -23.83 -16.75
C7 GPH B . -17.08 -22.91 -15.55
O2 GPH B . -20.29 -22.60 -20.91
O3 GPH B . -18.82 -24.61 -20.27
O4 GPH B . -20.53 -25.16 -17.06
P1 GPH B . -20.98 -26.55 -17.36
O8 GPH B . -20.90 -27.23 -16.04
O9 GPH B . -22.35 -26.34 -17.87
O10 GPH B . -20.01 -27.06 -18.37
O5 GPH B . -18.70 -22.40 -18.19
O6 GPH B . -17.19 -25.23 -16.43
O7 GPH B . -17.97 -23.15 -14.46
C1 GLC B . -18.61 -25.89 -20.81
C2 GLC B . -17.12 -25.99 -21.20
C3 GLC B . -16.84 -24.91 -22.23
C4 GLC B . -17.66 -25.24 -23.48
C5 GLC B . -19.16 -25.25 -23.12
C6 GLC B . -20.02 -25.77 -24.28
O2 GLC B . -16.30 -25.81 -20.06
O3 GLC B . -15.42 -24.78 -22.48
O4 GLC B . -17.41 -24.26 -24.49
O5 GLC B . -19.42 -26.13 -21.97
O6 GLC B . -20.74 -26.97 -23.92
C1 GLA B . -14.82 -25.46 -23.55
C2 GLA B . -13.53 -26.11 -23.06
C3 GLA B . -12.52 -26.30 -24.21
C4 GLA B . -13.22 -26.44 -25.56
C5 GLA B . -14.09 -25.21 -25.87
C6 GLA B . -15.32 -25.54 -26.71
O2 GLA B . -12.95 -25.32 -22.04
O3 GLA B . -11.73 -27.46 -23.96
O4 GLA B . -14.04 -27.61 -25.57
O5 GLA B . -14.56 -24.57 -24.65
O6 GLA B . -15.16 -25.11 -28.05
C1 GLA B . -21.60 -27.49 -24.90
C2 GLA B . -20.88 -28.50 -25.81
C3 GLA B . -19.93 -27.77 -26.74
C4 GLA B . -20.70 -26.74 -27.57
C5 GLA B . -21.46 -25.77 -26.64
C6 GLA B . -22.37 -24.83 -27.38
O2 GLA B . -20.19 -29.46 -25.03
O3 GLA B . -19.29 -28.70 -27.61
O4 GLA B . -21.62 -27.40 -28.42
O5 GLA B . -22.27 -26.50 -25.68
O6 GLA B . -23.11 -24.02 -26.49
C1 KDO B . -15.52 -15.29 -23.03
O1A KDO B . -14.56 -15.03 -23.78
O1B KDO B . -16.05 -14.45 -22.26
C2 KDO B . -16.12 -16.68 -23.09
C3 KDO B . -17.51 -16.58 -23.74
C4 KDO B . -18.09 -17.97 -24.04
O4 KDO B . -19.28 -17.81 -24.78
C5 KDO B . -17.09 -18.78 -24.86
O5 KDO B . -16.94 -18.18 -26.12
C6 KDO B . -15.73 -18.83 -24.12
O6 KDO B . -15.24 -17.49 -23.89
C7 KDO B . -14.67 -19.65 -24.85
O7 KDO B . -14.53 -19.18 -26.18
C8 KDO B . -15.00 -21.13 -24.85
O8 KDO B . -13.84 -21.88 -24.48
NI NI C . -22.16 -28.36 -19.16
NI NI D . -12.45 -6.46 -25.69
C1E LIL E . -5.13 -16.46 -20.78
C2E LIL E . -3.94 -15.59 -20.43
C3E LIL E . -2.68 -16.39 -20.07
C4E LIL E . -2.04 -17.02 -21.30
C5E LIL E . -0.54 -17.17 -21.21
C6E LIL E . 0.19 -15.87 -21.48
C7E LIL E . 1.71 -16.00 -21.29
C8E LIL E . 2.43 -14.78 -21.84
C9E LIL E . 3.96 -14.91 -21.73
C0S LIL E . 4.49 -16.04 -22.58
C1S LIL E . 5.88 -15.73 -23.12
C2S LIL E . 6.93 -15.68 -22.03
C3S LIL E . 8.31 -15.35 -22.58
C4S LIL E . 9.40 -15.53 -21.51
C5S LIL E . 10.76 -15.13 -22.05
O1E LIL E . -5.01 -17.67 -20.74
O2E LIL E . -2.98 -17.40 -19.07
C1F LIL E . -1.86 -17.84 -18.28
C2F LIL E . -1.33 -16.68 -17.46
C3F LIL E . 0.03 -16.96 -16.80
C4F LIL E . 0.95 -17.65 -17.78
C5F LIL E . 2.40 -17.63 -17.31
C6F LIL E . 3.30 -18.29 -18.33
C7F LIL E . 4.72 -17.78 -18.23
C8F LIL E . 5.54 -18.27 -19.40
C9F LIL E . 6.93 -17.65 -19.40
C0T LIL E . 7.75 -18.07 -18.20
C1T LIL E . 9.17 -17.54 -18.32
C2T LIL E . 10.06 -18.07 -17.21
C3T LIL E . 11.52 -17.69 -17.46
O1F LIL E . -2.04 -18.95 -17.77
C1E LIL F . -6.93 -12.75 -21.92
C2E LIL F . -6.45 -11.96 -23.14
C3E LIL F . -4.95 -11.65 -23.09
C4E LIL F . -4.12 -12.95 -23.12
C5E LIL F . -2.73 -12.82 -23.75
C6E LIL F . -1.71 -12.17 -22.83
C7E LIL F . -0.40 -12.04 -23.58
C8E LIL F . 0.80 -11.88 -22.68
C9E LIL F . 2.09 -11.67 -23.47
C0S LIL F . 3.28 -11.62 -22.53
C1S LIL F . 4.56 -11.16 -23.19
C2S LIL F . 5.60 -10.85 -22.12
C3S LIL F . 6.83 -10.15 -22.67
C4S LIL F . 7.73 -11.10 -23.43
C5S LIL F . 9.05 -10.45 -23.76
O1E LIL F . -6.74 -12.30 -20.80
O2E LIL F . -4.59 -10.79 -24.19
C1F LIL F . -4.64 -9.39 -23.89
C2F LIL F . -4.85 -8.58 -25.15
C3F LIL F . -3.71 -8.70 -26.16
C4F LIL F . -2.35 -8.64 -25.50
C5F LIL F . -1.28 -8.23 -26.50
C6F LIL F . 0.11 -8.59 -25.99
C7F LIL F . 1.20 -8.15 -26.95
C8F LIL F . 2.51 -8.78 -26.58
C9F LIL F . 3.66 -8.20 -27.38
C0T LIL F . 4.94 -8.93 -27.05
C1T LIL F . 6.14 -8.15 -27.54
C2T LIL F . 7.44 -8.78 -27.09
C3T LIL F . 8.64 -7.99 -27.57
O1F LIL F . -5.28 -9.14 -22.87
C2 AAE G . -8.29 -12.13 -27.06
O3 AAE G . -8.16 -13.33 -26.71
C4 AAE G . -7.42 -11.52 -28.18
C5 AAE G . -6.27 -12.44 -28.63
O8 AAE G . -6.73 -13.79 -28.84
C9 AAE G . -5.07 -12.44 -27.69
C1J LIM H . -8.71 -8.16 -25.48
C2J LIM H . -8.62 -7.10 -26.54
C3J LIM H . -7.62 -6.00 -26.19
C4J LIM H . -7.42 -5.07 -27.39
C5J LIM H . -6.24 -4.14 -27.25
C6J LIM H . -4.95 -4.93 -27.17
C7J LIM H . -3.70 -4.07 -27.26
C8J LIM H . -2.46 -4.95 -27.27
C9J LIM H . -1.21 -4.23 -27.72
C0X LIM H . -0.08 -5.23 -27.93
C1X LIM H . 1.13 -4.61 -28.61
C2X LIM H . 1.92 -3.73 -27.67
C3X LIM H . 3.09 -3.07 -28.38
C4X LIM H . 3.94 -4.08 -29.16
C5X LIM H . 4.50 -5.15 -28.24
O1J LIM H . -7.72 -8.45 -24.80
O2J LIM H . -8.13 -5.25 -25.07
O1P EA2 I . -22.42 -17.74 -19.98
O2P EA2 I . -22.08 -20.12 -20.58
P1 EA2 I . -21.83 -18.71 -20.95
O4P EA2 I . -22.44 -18.48 -22.31
O5P EA2 I . -23.45 -16.29 -21.89
O6P EA2 I . -21.10 -16.46 -22.66
P2 EA2 I . -22.47 -17.03 -22.73
O7P EA2 I . -22.92 -16.98 -24.17
C1 EA2 I . -22.81 -15.64 -24.71
C2 EA2 I . -22.86 -15.68 -26.24
N3 EA2 I . -23.83 -16.49 -26.66
#